data_5NY5
#
_entry.id   5NY5
#
_cell.length_a   209.907
_cell.length_b   209.907
_cell.length_c   162.179
_cell.angle_alpha   90.00
_cell.angle_beta   90.00
_cell.angle_gamma   120.00
#
_symmetry.space_group_name_H-M   'H 3 2'
#
loop_
_entity.id
_entity.type
_entity.pdbx_description
1 polymer '3,4-dihydroxybenzoate decarboxylase'
2 non-polymer GLYCEROL
3 water water
#
_entity_poly.entity_id   1
_entity_poly.type   'polypeptide(L)'
_entity_poly.pdbx_seq_one_letter_code
;(MSE)QNPINDLRSAIALLQRHPGHYIETDHPVDPNAELAGVYRHIGAGGTVKRPTRTGPA(MSE)(MSE)FNSVKGYPG
SRILVG(MSE)HASRERAALLLGCVPSKLAQHVGQAVKNPVAPVVVPASQAPCQEQVFYADDPDFDLRKLLPAPTNTPID
AGPFFCLGLVLASDPEDTSLTDVTIHRLCVQERDELS(MSE)FLAAGRHIEVFRKKAEAAGKPLPVTIN(MSE)GLDPAI
YIGACFEAPTTPFGYNELGVAGALRQQPVELVQGVAVKEKAIARAEIIIEGELLPGVRVREDQHTNTGHA(MSE)PEFPG
YCGEANPSLPVIKVKAVT(MSE)RNHAILQTLVGPGEEHTTLAGLPTEASIRNAVEEAIPGFLQNVYAHTAGGGKFLGIL
QVKKRQPSDEGRQGQAALIALATYSELKNIILVDEDVDIFDSDDILWA(MSE)TTR(MSE)QGDVSITTLPGIRGHQLDP
SQSPDYSTSIRGNGISCKTIFDCTVPWALKARFERAPF(MSE)EVDPTPWAPELFSDKK
;
_entity_poly.pdbx_strand_id   A,B
#
loop_
_chem_comp.id
_chem_comp.type
_chem_comp.name
_chem_comp.formula
GOL non-polymer GLYCEROL 'C3 H8 O3'
#
# COMPACT_ATOMS: atom_id res chain seq x y z
N ASN A 3 0.52 -15.56 18.02
CA ASN A 3 -0.61 -16.05 18.80
C ASN A 3 -1.17 -15.05 19.82
N PRO A 4 -0.33 -14.29 20.53
CA PRO A 4 -0.85 -13.23 21.38
C PRO A 4 -1.29 -12.03 20.55
N ILE A 5 -2.03 -11.14 21.20
CA ILE A 5 -2.55 -9.94 20.56
C ILE A 5 -1.74 -8.75 21.04
N ASN A 6 -1.25 -7.94 20.10
CA ASN A 6 -0.59 -6.70 20.43
C ASN A 6 -0.90 -5.57 19.46
N ASP A 7 -1.77 -5.79 18.48
CA ASP A 7 -2.16 -4.74 17.55
C ASP A 7 -3.48 -5.13 16.90
N LEU A 8 -3.93 -4.31 15.95
CA LEU A 8 -5.19 -4.58 15.28
C LEU A 8 -5.12 -5.85 14.43
N ARG A 9 -4.00 -6.06 13.73
CA ARG A 9 -3.92 -7.17 12.79
C ARG A 9 -3.82 -8.52 13.51
N SER A 10 -3.20 -8.56 14.69
CA SER A 10 -3.20 -9.79 15.46
C SER A 10 -4.59 -10.08 16.04
N ALA A 11 -5.39 -9.03 16.24
CA ALA A 11 -6.76 -9.24 16.70
C ALA A 11 -7.64 -9.79 15.59
N ILE A 12 -7.49 -9.25 14.38
CA ILE A 12 -8.23 -9.77 13.24
C ILE A 12 -7.90 -11.24 13.02
N ALA A 13 -6.64 -11.61 13.25
CA ALA A 13 -6.24 -13.01 13.08
C ALA A 13 -6.99 -13.92 14.04
N LEU A 14 -7.23 -13.44 15.27
CA LEU A 14 -7.99 -14.24 16.22
C LEU A 14 -9.45 -14.39 15.78
N LEU A 15 -10.02 -13.32 15.23
CA LEU A 15 -11.40 -13.40 14.77
C LEU A 15 -11.55 -14.39 13.61
N GLN A 16 -10.53 -14.49 12.76
CA GLN A 16 -10.62 -15.40 11.62
C GLN A 16 -10.66 -16.86 12.09
N ARG A 17 -10.12 -17.15 13.26
CA ARG A 17 -10.22 -18.49 13.82
C ARG A 17 -11.59 -18.78 14.42
N HIS A 18 -12.48 -17.80 14.45
CA HIS A 18 -13.85 -17.97 14.93
C HIS A 18 -14.79 -17.45 13.85
N PRO A 19 -15.26 -18.33 12.96
CA PRO A 19 -16.07 -17.87 11.84
C PRO A 19 -17.35 -17.18 12.32
N GLY A 20 -17.68 -16.08 11.63
CA GLY A 20 -18.85 -15.28 11.96
C GLY A 20 -18.53 -13.91 12.50
N HIS A 21 -17.28 -13.66 12.88
CA HIS A 21 -16.90 -12.39 13.49
C HIS A 21 -16.11 -11.48 12.58
N TYR A 22 -15.72 -11.92 11.39
CA TYR A 22 -14.93 -11.09 10.50
C TYR A 22 -15.15 -11.55 9.07
N ILE A 23 -15.37 -10.58 8.18
CA ILE A 23 -15.49 -10.82 6.74
C ILE A 23 -14.73 -9.71 6.02
N GLU A 24 -14.43 -9.98 4.75
CA GLU A 24 -13.88 -8.98 3.84
C GLU A 24 -14.73 -8.94 2.58
N THR A 25 -14.60 -7.84 1.85
CA THR A 25 -15.25 -7.71 0.55
C THR A 25 -14.33 -6.98 -0.40
N ASP A 26 -14.29 -7.44 -1.64
CA ASP A 26 -13.57 -6.75 -2.71
C ASP A 26 -14.50 -5.95 -3.60
N HIS A 27 -15.79 -5.94 -3.31
CA HIS A 27 -16.73 -5.14 -4.07
C HIS A 27 -16.45 -3.66 -3.79
N PRO A 28 -16.34 -2.83 -4.83
CA PRO A 28 -16.06 -1.41 -4.59
C PRO A 28 -17.17 -0.76 -3.78
N VAL A 29 -16.77 0.10 -2.85
CA VAL A 29 -17.72 0.80 -1.99
C VAL A 29 -17.33 2.28 -1.94
N ASP A 30 -18.35 3.15 -1.89
CA ASP A 30 -18.11 4.57 -1.81
C ASP A 30 -18.01 4.97 -0.33
N PRO A 31 -16.90 5.56 0.11
CA PRO A 31 -16.80 5.99 1.51
C PRO A 31 -17.80 7.09 1.87
N ASN A 32 -18.37 7.76 0.89
CA ASN A 32 -19.39 8.78 1.13
C ASN A 32 -20.74 8.08 1.21
N ALA A 33 -21.25 7.93 2.44
CA ALA A 33 -22.59 7.41 2.73
C ALA A 33 -22.75 5.93 2.41
N GLU A 34 -22.39 5.51 1.19
CA GLU A 34 -22.63 4.13 0.79
C GLU A 34 -21.97 3.14 1.74
N LEU A 35 -20.76 3.45 2.20
CA LEU A 35 -20.06 2.55 3.11
C LEU A 35 -20.87 2.27 4.36
N ALA A 36 -21.33 3.32 5.04
CA ALA A 36 -22.12 3.13 6.26
C ALA A 36 -23.46 2.48 5.94
N GLY A 37 -24.07 2.87 4.81
CA GLY A 37 -25.35 2.29 4.44
C GLY A 37 -25.28 0.78 4.29
N VAL A 38 -24.15 0.27 3.81
CA VAL A 38 -23.98 -1.18 3.67
C VAL A 38 -23.89 -1.83 5.04
N TYR A 39 -23.00 -1.33 5.89
CA TYR A 39 -22.79 -1.97 7.19
C TYR A 39 -23.99 -1.78 8.13
N ARG A 40 -24.89 -0.85 7.82
CA ARG A 40 -26.10 -0.72 8.60
C ARG A 40 -26.91 -2.01 8.58
N HIS A 41 -26.94 -2.69 7.42
CA HIS A 41 -27.66 -3.95 7.30
C HIS A 41 -26.88 -5.13 7.88
N ILE A 42 -25.56 -5.01 8.00
CA ILE A 42 -24.71 -6.16 8.29
C ILE A 42 -24.31 -6.23 9.76
N GLY A 43 -23.88 -5.11 10.35
CA GLY A 43 -23.39 -5.18 11.71
C GLY A 43 -23.42 -3.93 12.56
N ALA A 44 -24.08 -2.88 12.08
CA ALA A 44 -24.15 -1.63 12.84
C ALA A 44 -24.78 -1.86 14.21
N GLY A 45 -26.00 -2.41 14.22
CA GLY A 45 -26.68 -2.73 15.46
C GLY A 45 -26.99 -1.50 16.30
N GLY A 46 -27.17 -1.74 17.59
CA GLY A 46 -27.41 -0.65 18.51
C GLY A 46 -28.70 0.08 18.21
N THR A 47 -28.66 1.41 18.34
CA THR A 47 -29.84 2.25 18.13
C THR A 47 -30.02 2.66 16.68
N VAL A 48 -29.28 2.05 15.76
CA VAL A 48 -29.48 2.34 14.34
C VAL A 48 -30.87 1.90 13.92
N LYS A 49 -31.49 2.67 13.04
CA LYS A 49 -32.84 2.37 12.58
C LYS A 49 -32.87 1.05 11.82
N ARG A 50 -33.90 0.26 12.08
CA ARG A 50 -34.07 -1.05 11.45
C ARG A 50 -34.34 -0.90 9.95
N PRO A 51 -33.92 -1.90 9.15
CA PRO A 51 -33.27 -3.16 9.56
C PRO A 51 -31.79 -3.01 9.91
N THR A 52 -31.39 -3.68 10.98
CA THR A 52 -30.01 -3.72 11.41
C THR A 52 -29.84 -4.90 12.34
N ARG A 53 -28.59 -5.19 12.69
CA ARG A 53 -28.26 -6.31 13.55
C ARG A 53 -26.79 -6.23 13.89
N THR A 54 -26.38 -7.05 14.85
CA THR A 54 -24.96 -7.27 15.10
C THR A 54 -24.50 -8.45 14.27
N GLY A 55 -23.25 -8.38 13.82
CA GLY A 55 -22.68 -9.41 13.00
C GLY A 55 -21.17 -9.39 13.01
N PRO A 56 -20.57 -9.69 11.86
CA PRO A 56 -19.11 -9.68 11.78
C PRO A 56 -18.59 -8.25 11.68
N ALA A 57 -17.37 -8.07 12.17
CA ALA A 57 -16.63 -6.88 11.77
C ALA A 57 -16.29 -6.99 10.29
N MSE A 58 -16.14 -5.84 9.65
CA MSE A 58 -16.06 -5.86 8.20
C MSE A 58 -14.90 -5.03 7.65
O MSE A 58 -14.68 -3.89 8.06
CB MSE A 58 -17.37 -5.36 7.60
CG MSE A 58 -17.53 -5.65 6.13
SE MSE A 58 -19.39 -5.51 5.60
CE MSE A 58 -19.21 -5.97 3.72
N MSE A 59 -14.17 -5.62 6.71
CA MSE A 59 -13.09 -4.95 6.02
C MSE A 59 -13.47 -4.69 4.57
O MSE A 59 -13.77 -5.62 3.82
CB MSE A 59 -11.81 -5.77 6.08
CG MSE A 59 -10.63 -5.15 5.37
SE MSE A 59 -9.77 -3.75 6.42
CE MSE A 59 -9.02 -4.89 7.81
N PHE A 60 -13.45 -3.42 4.17
CA PHE A 60 -13.74 -3.02 2.80
C PHE A 60 -12.40 -2.79 2.10
N ASN A 61 -11.98 -3.78 1.30
CA ASN A 61 -10.68 -3.73 0.65
C ASN A 61 -10.67 -2.86 -0.60
N SER A 62 -11.84 -2.58 -1.19
CA SER A 62 -11.94 -1.80 -2.42
C SER A 62 -12.71 -0.52 -2.11
N VAL A 63 -11.99 0.59 -2.04
CA VAL A 63 -12.56 1.90 -1.74
C VAL A 63 -12.53 2.71 -3.02
N LYS A 64 -13.70 3.19 -3.44
CA LYS A 64 -13.78 3.97 -4.68
C LYS A 64 -12.93 5.22 -4.58
N GLY A 65 -12.07 5.43 -5.57
CA GLY A 65 -11.16 6.55 -5.57
C GLY A 65 -9.99 6.43 -4.62
N TYR A 66 -9.86 5.32 -3.91
CA TYR A 66 -8.77 5.12 -2.95
C TYR A 66 -8.20 3.72 -3.11
N PRO A 67 -7.53 3.44 -4.22
CA PRO A 67 -6.80 2.17 -4.34
C PRO A 67 -5.69 2.10 -3.30
N GLY A 68 -5.48 0.91 -2.76
CA GLY A 68 -4.52 0.72 -1.70
C GLY A 68 -5.04 1.03 -0.31
N SER A 69 -6.22 1.62 -0.19
CA SER A 69 -6.85 1.83 1.10
C SER A 69 -7.80 0.69 1.42
N ARG A 70 -7.96 0.42 2.71
CA ARG A 70 -8.93 -0.56 3.18
C ARG A 70 -9.49 -0.08 4.51
N ILE A 71 -10.81 -0.04 4.61
CA ILE A 71 -11.52 0.58 5.73
C ILE A 71 -12.16 -0.49 6.59
N LEU A 72 -12.03 -0.33 7.90
CA LEU A 72 -12.44 -1.34 8.87
C LEU A 72 -13.52 -0.76 9.78
N VAL A 73 -14.63 -1.48 9.93
CA VAL A 73 -15.73 -1.06 10.79
C VAL A 73 -16.28 -2.25 11.55
N GLY A 74 -16.83 -1.98 12.72
CA GLY A 74 -17.56 -2.98 13.48
C GLY A 74 -16.74 -3.82 14.42
N MSE A 75 -15.51 -3.45 14.71
CA MSE A 75 -14.62 -4.29 15.49
C MSE A 75 -15.16 -4.53 16.90
O MSE A 75 -15.10 -5.65 17.41
CB MSE A 75 -13.22 -3.66 15.57
CG MSE A 75 -12.09 -4.60 16.00
SE MSE A 75 -11.83 -6.18 14.89
CE MSE A 75 -12.18 -5.41 13.16
N HIS A 76 -15.72 -3.49 17.51
CA HIS A 76 -16.31 -3.60 18.85
C HIS A 76 -17.82 -3.68 18.81
N ALA A 77 -18.42 -3.92 17.64
CA ALA A 77 -19.88 -3.90 17.48
C ALA A 77 -20.53 -5.21 17.91
N SER A 78 -20.06 -5.82 18.99
CA SER A 78 -20.63 -7.06 19.51
C SER A 78 -20.07 -7.36 20.88
N ARG A 79 -20.93 -7.70 21.85
CA ARG A 79 -20.43 -8.04 23.17
C ARG A 79 -19.71 -9.38 23.13
N GLU A 80 -20.21 -10.34 22.36
CA GLU A 80 -19.52 -11.60 22.19
C GLU A 80 -18.14 -11.40 21.57
N ARG A 81 -18.08 -10.60 20.50
CA ARG A 81 -16.81 -10.35 19.84
C ARG A 81 -15.81 -9.69 20.77
N ALA A 82 -16.26 -8.73 21.57
CA ALA A 82 -15.37 -8.08 22.53
C ALA A 82 -14.89 -9.06 23.59
N ALA A 83 -15.78 -9.95 24.04
CA ALA A 83 -15.38 -10.93 25.04
C ALA A 83 -14.39 -11.94 24.48
N LEU A 84 -14.60 -12.35 23.22
CA LEU A 84 -13.65 -13.25 22.57
C LEU A 84 -12.30 -12.57 22.36
N LEU A 85 -12.32 -11.27 22.02
CA LEU A 85 -11.09 -10.51 21.84
C LEU A 85 -10.32 -10.31 23.14
N LEU A 86 -10.92 -10.62 24.28
CA LEU A 86 -10.27 -10.45 25.57
C LEU A 86 -10.20 -11.74 26.39
N GLY A 87 -10.77 -12.83 25.90
CA GLY A 87 -10.64 -14.10 26.58
C GLY A 87 -11.50 -14.24 27.82
N CYS A 88 -12.80 -14.02 27.68
CA CYS A 88 -13.74 -14.23 28.78
C CYS A 88 -15.13 -14.39 28.20
N VAL A 89 -16.09 -14.73 29.06
CA VAL A 89 -17.48 -14.90 28.64
C VAL A 89 -18.14 -13.54 28.57
N PRO A 90 -19.14 -13.34 27.69
CA PRO A 90 -19.70 -11.99 27.53
C PRO A 90 -20.44 -11.49 28.76
N SER A 91 -20.97 -12.37 29.61
CA SER A 91 -21.70 -11.90 30.78
C SER A 91 -20.76 -11.37 31.85
N LYS A 92 -19.54 -11.91 31.91
CA LYS A 92 -18.53 -11.45 32.86
C LYS A 92 -17.56 -10.46 32.24
N LEU A 93 -17.90 -9.89 31.08
CA LEU A 93 -16.96 -9.02 30.37
C LEU A 93 -16.64 -7.78 31.17
N ALA A 94 -17.64 -7.17 31.80
CA ALA A 94 -17.39 -5.96 32.59
C ALA A 94 -16.54 -6.27 33.82
N GLN A 95 -16.72 -7.44 34.41
CA GLN A 95 -15.89 -7.83 35.55
C GLN A 95 -14.45 -8.05 35.13
N HIS A 96 -14.24 -8.75 34.01
CA HIS A 96 -12.90 -9.08 33.58
C HIS A 96 -12.07 -7.83 33.33
N VAL A 97 -12.67 -6.81 32.71
CA VAL A 97 -11.95 -5.56 32.49
C VAL A 97 -11.75 -4.82 33.81
N GLY A 98 -12.80 -4.77 34.65
CA GLY A 98 -12.67 -4.10 35.93
C GLY A 98 -11.60 -4.72 36.81
N GLN A 99 -11.33 -6.02 36.64
CA GLN A 99 -10.23 -6.64 37.36
C GLN A 99 -8.88 -6.14 36.82
N ALA A 100 -8.80 -5.95 35.50
CA ALA A 100 -7.54 -5.47 34.92
C ALA A 100 -7.30 -3.99 35.22
N VAL A 101 -8.38 -3.22 35.41
CA VAL A 101 -8.22 -1.81 35.76
C VAL A 101 -7.51 -1.65 37.10
N LYS A 102 -7.76 -2.58 38.03
CA LYS A 102 -7.19 -2.47 39.36
C LYS A 102 -5.72 -2.86 39.43
N ASN A 103 -5.20 -3.54 38.42
CA ASN A 103 -3.79 -3.96 38.38
C ASN A 103 -3.20 -3.64 37.01
N PRO A 104 -3.11 -2.36 36.66
CA PRO A 104 -2.66 -1.99 35.32
C PRO A 104 -1.18 -2.30 35.10
N VAL A 105 -0.81 -2.38 33.83
CA VAL A 105 0.58 -2.57 33.42
C VAL A 105 0.98 -1.35 32.61
N ALA A 106 2.00 -0.64 33.10
CA ALA A 106 2.33 0.66 32.55
C ALA A 106 2.92 0.54 31.15
N PRO A 107 2.67 1.52 30.28
CA PRO A 107 3.26 1.50 28.95
C PRO A 107 4.77 1.74 29.00
N VAL A 108 5.41 1.48 27.86
CA VAL A 108 6.86 1.59 27.71
C VAL A 108 7.17 2.29 26.39
N VAL A 109 8.13 3.21 26.43
CA VAL A 109 8.56 3.91 25.22
C VAL A 109 9.58 3.06 24.48
N VAL A 110 9.52 3.09 23.15
CA VAL A 110 10.43 2.32 22.31
C VAL A 110 10.91 3.19 21.16
N PRO A 111 12.09 2.88 20.62
CA PRO A 111 12.57 3.65 19.46
C PRO A 111 11.78 3.32 18.21
N ALA A 112 11.94 4.19 17.21
CA ALA A 112 11.24 4.00 15.94
C ALA A 112 11.53 2.66 15.29
N SER A 113 12.62 1.99 15.70
CA SER A 113 12.91 0.66 15.20
C SER A 113 11.76 -0.30 15.45
N GLN A 114 11.04 -0.11 16.55
CA GLN A 114 9.96 -1.02 16.97
C GLN A 114 8.59 -0.38 16.84
N ALA A 115 8.46 0.59 15.95
CA ALA A 115 7.24 1.37 15.76
C ALA A 115 6.70 1.12 14.36
N PRO A 116 5.97 0.03 14.15
CA PRO A 116 5.35 -0.20 12.83
C PRO A 116 4.49 0.96 12.36
N CYS A 117 3.92 1.72 13.29
CA CYS A 117 3.10 2.85 12.91
C CYS A 117 3.86 3.85 12.05
N GLN A 118 5.18 3.94 12.22
CA GLN A 118 5.99 4.90 11.49
C GLN A 118 6.70 4.29 10.28
N GLU A 119 6.10 3.24 9.68
CA GLU A 119 6.67 2.69 8.45
C GLU A 119 6.50 3.64 7.27
N GLN A 120 5.52 4.55 7.33
CA GLN A 120 5.37 5.62 6.36
C GLN A 120 5.23 6.94 7.11
N VAL A 121 5.73 8.01 6.50
CA VAL A 121 5.65 9.35 7.08
C VAL A 121 5.28 10.33 5.98
N PHE A 122 4.24 11.13 6.22
CA PHE A 122 3.82 12.19 5.30
C PHE A 122 3.84 13.50 6.06
N TYR A 123 4.79 14.37 5.72
CA TYR A 123 4.87 15.69 6.36
C TYR A 123 3.92 16.66 5.68
N ALA A 124 3.30 17.52 6.49
CA ALA A 124 2.31 18.47 5.98
C ALA A 124 2.94 19.70 5.35
N ASP A 125 4.24 19.92 5.53
CA ASP A 125 4.89 21.06 4.89
C ASP A 125 5.06 20.87 3.39
N ASP A 126 4.85 19.67 2.87
CA ASP A 126 4.86 19.46 1.43
C ASP A 126 3.69 20.20 0.80
N PRO A 127 3.91 20.98 -0.26
CA PRO A 127 2.79 21.72 -0.86
C PRO A 127 1.75 20.83 -1.52
N ASP A 128 2.13 19.62 -1.95
CA ASP A 128 1.18 18.68 -2.53
C ASP A 128 0.52 17.80 -1.48
N PHE A 129 0.75 18.07 -0.19
CA PHE A 129 0.10 17.30 0.86
C PHE A 129 -1.39 17.61 0.90
N ASP A 130 -2.18 16.56 1.08
CA ASP A 130 -3.64 16.71 1.16
C ASP A 130 -4.19 15.53 1.95
N LEU A 131 -4.83 15.83 3.08
CA LEU A 131 -5.37 14.76 3.92
C LEU A 131 -6.47 14.00 3.21
N ARG A 132 -7.18 14.67 2.29
CA ARG A 132 -8.25 13.99 1.55
C ARG A 132 -7.69 12.93 0.61
N LYS A 133 -6.56 13.21 -0.04
CA LYS A 133 -5.93 12.21 -0.90
C LYS A 133 -5.32 11.07 -0.09
N LEU A 134 -5.02 11.31 1.19
CA LEU A 134 -4.27 10.36 2.00
C LEU A 134 -5.16 9.33 2.68
N LEU A 135 -6.27 9.78 3.28
CA LEU A 135 -7.12 8.90 4.07
C LEU A 135 -8.57 9.00 3.58
N PRO A 136 -9.18 7.95 3.31
CA PRO A 136 -10.61 7.97 2.92
C PRO A 136 -11.54 7.96 4.13
N ALA A 137 -11.63 9.11 4.79
CA ALA A 137 -12.52 9.24 5.93
C ALA A 137 -13.97 9.12 5.48
N PRO A 138 -14.75 8.21 6.05
CA PRO A 138 -16.11 8.01 5.56
C PRO A 138 -17.09 9.00 6.19
N THR A 139 -18.23 9.14 5.52
CA THR A 139 -19.37 9.87 6.04
C THR A 139 -20.47 8.88 6.34
N ASN A 140 -21.04 8.95 7.54
CA ASN A 140 -22.06 7.99 7.93
C ASN A 140 -23.38 8.23 7.20
N THR A 141 -23.81 9.47 7.10
CA THR A 141 -25.05 9.83 6.42
C THR A 141 -24.77 10.96 5.44
N PRO A 142 -25.61 11.10 4.41
CA PRO A 142 -25.43 12.23 3.47
C PRO A 142 -25.57 13.60 4.12
N ILE A 143 -26.13 13.71 5.33
CA ILE A 143 -26.31 14.99 5.99
C ILE A 143 -25.25 15.25 7.06
N ASP A 144 -24.17 14.48 7.07
CA ASP A 144 -23.10 14.71 8.02
C ASP A 144 -22.37 16.02 7.71
N ALA A 145 -21.70 16.56 8.73
CA ALA A 145 -20.96 17.80 8.56
C ALA A 145 -19.78 17.64 7.61
N GLY A 146 -19.30 16.41 7.42
CA GLY A 146 -18.17 16.14 6.58
C GLY A 146 -17.60 14.79 6.90
N PRO A 147 -16.53 14.39 6.22
CA PRO A 147 -15.87 13.13 6.55
C PRO A 147 -15.39 13.12 8.00
N PHE A 148 -15.52 11.98 8.65
CA PHE A 148 -15.30 11.85 10.08
C PHE A 148 -14.36 10.70 10.38
N PHE A 149 -13.45 10.93 11.33
CA PHE A 149 -12.76 9.86 12.05
C PHE A 149 -13.44 9.72 13.40
N CYS A 150 -13.86 8.51 13.76
CA CYS A 150 -14.66 8.31 14.95
C CYS A 150 -13.96 7.54 16.06
N LEU A 151 -12.77 6.99 15.80
CA LEU A 151 -12.04 6.22 16.81
C LEU A 151 -10.60 6.70 16.90
N GLY A 152 -10.44 8.01 17.06
CA GLY A 152 -9.12 8.58 17.24
C GLY A 152 -8.71 8.63 18.70
N LEU A 153 -7.76 7.78 19.08
CA LEU A 153 -7.21 7.79 20.44
C LEU A 153 -6.19 8.91 20.54
N VAL A 154 -6.52 9.95 21.29
CA VAL A 154 -5.73 11.18 21.34
C VAL A 154 -4.84 11.14 22.58
N LEU A 155 -3.54 11.35 22.38
CA LEU A 155 -2.58 11.52 23.47
C LEU A 155 -2.20 12.98 23.59
N ALA A 156 -2.09 13.46 24.83
CA ALA A 156 -1.73 14.85 25.06
C ALA A 156 -1.09 14.97 26.44
N SER A 157 -0.33 16.05 26.63
CA SER A 157 0.36 16.29 27.89
C SER A 157 0.23 17.77 28.25
N ASP A 158 0.29 18.03 29.56
CA ASP A 158 0.22 19.39 30.07
C ASP A 158 1.34 20.22 29.45
N PRO A 159 1.03 21.37 28.83
CA PRO A 159 2.09 22.22 28.27
C PRO A 159 3.00 22.83 29.32
N GLU A 160 2.65 22.74 30.60
CA GLU A 160 3.49 23.21 31.69
C GLU A 160 4.20 22.05 32.40
N ASP A 161 3.45 21.05 32.83
CA ASP A 161 3.98 19.89 33.54
C ASP A 161 3.77 18.66 32.67
N THR A 162 4.72 18.41 31.77
CA THR A 162 4.61 17.31 30.81
C THR A 162 4.35 15.96 31.50
N SER A 163 4.72 15.83 32.77
CA SER A 163 4.45 14.60 33.51
C SER A 163 2.96 14.32 33.68
N LEU A 164 2.10 15.28 33.35
CA LEU A 164 0.65 15.11 33.43
C LEU A 164 0.13 14.81 32.03
N THR A 165 -0.42 13.61 31.85
CA THR A 165 -0.86 13.13 30.55
C THR A 165 -2.33 12.78 30.57
N ASP A 166 -2.92 12.75 29.38
CA ASP A 166 -4.32 12.35 29.21
C ASP A 166 -4.49 11.68 27.86
N VAL A 167 -5.08 10.49 27.88
CA VAL A 167 -5.41 9.76 26.65
C VAL A 167 -6.91 9.54 26.62
N THR A 168 -7.52 9.82 25.47
CA THR A 168 -8.97 9.83 25.36
C THR A 168 -9.36 9.48 23.92
N ILE A 169 -10.66 9.29 23.72
CA ILE A 169 -11.23 8.98 22.41
C ILE A 169 -12.09 10.15 21.96
N HIS A 170 -11.81 10.66 20.76
CA HIS A 170 -12.53 11.78 20.19
C HIS A 170 -12.95 11.44 18.76
N ARG A 171 -13.81 12.27 18.20
CA ARG A 171 -14.17 12.22 16.80
C ARG A 171 -13.71 13.50 16.13
N LEU A 172 -13.24 13.39 14.89
CA LEU A 172 -12.66 14.51 14.16
C LEU A 172 -13.27 14.60 12.78
N CYS A 173 -13.65 15.81 12.38
CA CYS A 173 -14.22 16.06 11.07
C CYS A 173 -13.18 16.71 10.18
N VAL A 174 -13.05 16.20 8.95
CA VAL A 174 -12.08 16.73 8.01
C VAL A 174 -12.58 18.07 7.47
N GLN A 175 -11.77 19.11 7.62
CA GLN A 175 -12.13 20.46 7.20
C GLN A 175 -11.33 20.94 6.00
N GLU A 176 -10.01 20.84 6.06
CA GLU A 176 -9.15 21.28 4.97
C GLU A 176 -8.14 20.20 4.61
N ARG A 177 -7.22 20.53 3.69
CA ARG A 177 -6.15 19.58 3.37
C ARG A 177 -5.23 19.33 4.55
N ASP A 178 -5.17 20.27 5.51
CA ASP A 178 -4.29 20.10 6.66
C ASP A 178 -4.96 20.51 7.96
N GLU A 179 -6.30 20.51 8.02
CA GLU A 179 -7.02 20.97 9.20
C GLU A 179 -8.14 19.99 9.54
N LEU A 180 -8.34 19.77 10.83
CA LEU A 180 -9.43 18.95 11.35
C LEU A 180 -10.11 19.70 12.48
N SER A 181 -11.42 19.47 12.63
CA SER A 181 -12.18 20.00 13.74
C SER A 181 -12.39 18.90 14.77
N MSE A 182 -12.08 19.19 16.03
CA MSE A 182 -12.17 18.20 17.08
C MSE A 182 -12.80 18.77 18.35
O MSE A 182 -12.31 19.76 18.89
CB MSE A 182 -10.77 17.64 17.39
CG MSE A 182 -10.67 16.88 18.71
SE MSE A 182 -9.05 15.80 18.83
CE MSE A 182 -8.78 15.91 20.77
N PHE A 183 -13.85 18.13 18.82
CA PHE A 183 -14.52 18.55 20.04
C PHE A 183 -13.83 17.98 21.26
N LEU A 184 -13.83 18.75 22.34
CA LEU A 184 -13.25 18.32 23.61
C LEU A 184 -14.26 18.57 24.71
N ALA A 185 -14.43 17.57 25.59
CA ALA A 185 -15.37 17.67 26.68
C ALA A 185 -14.79 18.56 27.79
N ALA A 186 -15.58 19.53 28.23
CA ALA A 186 -15.13 20.40 29.31
C ALA A 186 -14.87 19.61 30.58
N GLY A 187 -13.86 20.04 31.34
CA GLY A 187 -13.52 19.40 32.58
C GLY A 187 -12.54 18.25 32.49
N ARG A 188 -12.18 17.82 31.28
CA ARG A 188 -11.20 16.76 31.12
C ARG A 188 -9.80 17.38 30.98
N HIS A 189 -8.78 16.57 31.28
CA HIS A 189 -7.42 17.08 31.39
C HIS A 189 -6.95 17.68 30.07
N ILE A 190 -7.25 17.05 28.94
CA ILE A 190 -6.77 17.55 27.66
C ILE A 190 -7.40 18.89 27.35
N GLU A 191 -8.62 19.14 27.83
CA GLU A 191 -9.22 20.46 27.65
C GLU A 191 -8.53 21.50 28.53
N VAL A 192 -8.24 21.15 29.77
CA VAL A 192 -7.49 22.05 30.64
C VAL A 192 -6.11 22.30 30.07
N PHE A 193 -5.48 21.26 29.50
CA PHE A 193 -4.19 21.44 28.84
C PHE A 193 -4.28 22.46 27.72
N ARG A 194 -5.39 22.43 26.97
CA ARG A 194 -5.53 23.32 25.82
C ARG A 194 -5.75 24.77 26.26
N LYS A 195 -6.44 24.98 27.38
CA LYS A 195 -6.68 26.34 27.86
C LYS A 195 -5.37 27.01 28.26
N LYS A 196 -4.52 26.30 29.01
CA LYS A 196 -3.22 26.84 29.38
C LYS A 196 -2.40 27.21 28.15
N ALA A 197 -2.39 26.34 27.14
CA ALA A 197 -1.66 26.63 25.91
C ALA A 197 -2.25 27.82 25.18
N GLU A 198 -3.58 27.85 25.06
CA GLU A 198 -4.23 28.94 24.33
C GLU A 198 -4.05 30.27 25.07
N ALA A 199 -3.94 30.24 26.39
CA ALA A 199 -3.75 31.48 27.14
C ALA A 199 -2.44 32.15 26.77
N ALA A 200 -1.38 31.37 26.59
CA ALA A 200 -0.07 31.90 26.25
C ALA A 200 0.11 32.10 24.75
N GLY A 201 -0.93 31.91 23.96
CA GLY A 201 -0.79 32.03 22.52
C GLY A 201 0.04 30.94 21.90
N LYS A 202 0.09 29.75 22.50
CA LYS A 202 0.87 28.64 22.02
C LYS A 202 -0.03 27.44 21.72
N PRO A 203 0.23 26.70 20.65
CA PRO A 203 -0.57 25.52 20.34
C PRO A 203 -0.28 24.39 21.31
N LEU A 204 -1.07 23.33 21.18
CA LEU A 204 -0.92 22.14 22.02
C LEU A 204 -0.63 20.94 21.13
N PRO A 205 0.48 20.23 21.31
CA PRO A 205 0.78 19.08 20.44
C PRO A 205 -0.01 17.86 20.86
N VAL A 206 -0.60 17.19 19.87
CA VAL A 206 -1.40 15.99 20.09
C VAL A 206 -1.07 14.96 19.03
N THR A 207 -1.31 13.70 19.36
CA THR A 207 -1.25 12.60 18.40
C THR A 207 -2.60 11.88 18.38
N ILE A 208 -3.04 11.52 17.19
CA ILE A 208 -4.32 10.86 16.99
C ILE A 208 -4.04 9.45 16.52
N ASN A 209 -4.26 8.48 17.39
CA ASN A 209 -3.89 7.10 17.16
C ASN A 209 -5.10 6.30 16.73
N MSE A 210 -5.03 5.68 15.56
CA MSE A 210 -6.16 4.94 15.01
C MSE A 210 -5.73 3.57 14.49
O MSE A 210 -4.65 3.42 13.91
CB MSE A 210 -6.83 5.73 13.89
CG MSE A 210 -7.31 7.11 14.32
SE MSE A 210 -8.07 8.15 12.86
CE MSE A 210 -6.51 8.20 11.69
N GLY A 211 -6.57 2.56 14.70
CA GLY A 211 -6.25 1.20 14.32
C GLY A 211 -5.45 0.50 15.39
N LEU A 212 -6.11 0.09 16.46
CA LEU A 212 -5.42 -0.34 17.67
C LEU A 212 -5.90 -1.72 18.10
N ASP A 213 -5.16 -2.29 19.03
CA ASP A 213 -5.64 -3.43 19.79
C ASP A 213 -6.99 -3.06 20.44
N PRO A 214 -8.03 -3.86 20.25
CA PRO A 214 -9.30 -3.58 20.94
C PRO A 214 -9.14 -3.41 22.43
N ALA A 215 -8.15 -4.06 23.04
CA ALA A 215 -7.89 -3.86 24.46
C ALA A 215 -7.59 -2.40 24.77
N ILE A 216 -6.90 -1.72 23.86
CA ILE A 216 -6.59 -0.31 24.08
C ILE A 216 -7.85 0.54 23.98
N TYR A 217 -8.62 0.37 22.91
CA TYR A 217 -9.85 1.13 22.74
C TYR A 217 -10.81 0.92 23.92
N ILE A 218 -10.92 -0.32 24.39
CA ILE A 218 -11.87 -0.63 25.44
C ILE A 218 -11.38 -0.10 26.79
N GLY A 219 -10.11 -0.36 27.11
CA GLY A 219 -9.58 0.07 28.39
C GLY A 219 -9.49 1.58 28.53
N ALA A 220 -9.33 2.29 27.41
CA ALA A 220 -9.17 3.74 27.46
C ALA A 220 -10.43 4.46 27.95
N CYS A 221 -11.58 3.79 27.92
CA CYS A 221 -12.83 4.41 28.31
C CYS A 221 -13.10 4.35 29.81
N PHE A 222 -12.26 3.66 30.57
CA PHE A 222 -12.43 3.56 32.01
C PHE A 222 -11.67 4.68 32.73
N GLU A 223 -12.04 4.90 33.98
CA GLU A 223 -11.35 5.89 34.81
C GLU A 223 -10.00 5.34 35.27
N ALA A 224 -8.95 6.09 35.01
CA ALA A 224 -7.60 5.67 35.37
C ALA A 224 -6.97 6.66 36.33
N PRO A 225 -6.05 6.21 37.18
CA PRO A 225 -5.32 7.15 38.05
C PRO A 225 -4.39 8.06 37.27
N THR A 226 -3.57 8.84 37.97
CA THR A 226 -2.60 9.71 37.34
C THR A 226 -1.26 9.54 38.04
N THR A 227 -0.24 9.17 37.27
CA THR A 227 1.12 8.95 37.74
C THR A 227 2.07 9.71 36.83
N PRO A 228 3.32 9.93 37.25
CA PRO A 228 4.25 10.73 36.43
C PRO A 228 4.52 10.05 35.09
N PHE A 229 4.29 10.80 34.01
CA PHE A 229 4.43 10.28 32.65
C PHE A 229 3.69 8.95 32.51
N GLY A 230 2.47 8.92 33.04
CA GLY A 230 1.75 7.67 33.23
C GLY A 230 1.01 7.15 32.02
N TYR A 231 0.27 8.01 31.33
CA TYR A 231 -0.65 7.58 30.28
C TYR A 231 -1.50 6.41 30.77
N ASN A 232 -2.14 6.61 31.93
CA ASN A 232 -2.61 5.50 32.74
C ASN A 232 -3.76 4.73 32.10
N GLU A 233 -4.54 5.35 31.22
CA GLU A 233 -5.62 4.61 30.57
C GLU A 233 -5.07 3.47 29.71
N LEU A 234 -3.81 3.53 29.31
CA LEU A 234 -3.17 2.44 28.59
C LEU A 234 -2.80 1.28 29.50
N GLY A 235 -2.79 1.49 30.82
CA GLY A 235 -2.45 0.42 31.73
C GLY A 235 -3.44 -0.71 31.75
N VAL A 236 -4.70 -0.44 31.38
CA VAL A 236 -5.70 -1.50 31.31
C VAL A 236 -5.37 -2.47 30.19
N ALA A 237 -5.06 -1.96 29.00
CA ALA A 237 -4.71 -2.81 27.88
C ALA A 237 -3.47 -3.64 28.19
N GLY A 238 -2.45 -3.02 28.79
CA GLY A 238 -1.27 -3.76 29.17
C GLY A 238 -1.58 -4.88 30.15
N ALA A 239 -2.52 -4.62 31.08
CA ALA A 239 -2.92 -5.67 32.02
C ALA A 239 -3.74 -6.74 31.32
N LEU A 240 -4.58 -6.35 30.37
CA LEU A 240 -5.41 -7.31 29.65
C LEU A 240 -4.58 -8.24 28.77
N ARG A 241 -3.40 -7.78 28.32
CA ARG A 241 -2.53 -8.60 27.50
C ARG A 241 -1.31 -9.13 28.26
N GLN A 242 -1.12 -8.72 29.51
CA GLN A 242 0.09 -9.06 30.27
C GLN A 242 1.35 -8.67 29.50
N GLN A 243 1.25 -7.57 28.77
CA GLN A 243 2.32 -7.07 27.91
C GLN A 243 2.16 -5.56 27.78
N PRO A 244 3.17 -4.78 28.17
CA PRO A 244 3.00 -3.33 28.18
C PRO A 244 2.76 -2.76 26.79
N VAL A 245 1.91 -1.74 26.73
CA VAL A 245 1.66 -1.02 25.48
C VAL A 245 2.90 -0.22 25.11
N GLU A 246 3.33 -0.32 23.86
CA GLU A 246 4.55 0.33 23.42
C GLU A 246 4.24 1.71 22.85
N LEU A 247 5.06 2.69 23.22
CA LEU A 247 4.92 4.07 22.78
C LEU A 247 6.17 4.49 22.01
N VAL A 248 5.98 5.40 21.06
CA VAL A 248 7.06 5.90 20.23
C VAL A 248 6.99 7.43 20.22
N GLN A 249 8.15 8.06 20.31
CA GLN A 249 8.20 9.52 20.26
C GLN A 249 7.66 10.01 18.92
N GLY A 250 6.98 11.16 18.96
CA GLY A 250 6.45 11.73 17.75
C GLY A 250 7.53 12.15 16.78
N VAL A 251 7.13 12.31 15.53
CA VAL A 251 8.05 12.67 14.46
C VAL A 251 8.03 14.17 14.18
N ALA A 252 6.85 14.78 14.24
CA ALA A 252 6.71 16.20 13.92
C ALA A 252 6.17 17.04 15.08
N VAL A 253 5.67 16.44 16.16
CA VAL A 253 5.08 17.17 17.26
C VAL A 253 5.67 16.65 18.57
N LYS A 254 5.40 17.39 19.65
CA LYS A 254 5.97 17.10 20.96
C LYS A 254 5.00 16.22 21.77
N GLU A 255 4.86 14.98 21.31
CA GLU A 255 3.99 14.01 21.97
C GLU A 255 4.29 12.64 21.40
N LYS A 256 4.06 11.62 22.23
CA LYS A 256 4.28 10.23 21.82
C LYS A 256 3.03 9.68 21.13
N ALA A 257 3.22 8.56 20.44
CA ALA A 257 2.14 7.90 19.71
C ALA A 257 2.17 6.41 19.98
N ILE A 258 1.05 5.74 19.67
CA ILE A 258 0.96 4.30 19.83
C ILE A 258 1.86 3.64 18.78
N ALA A 259 2.86 2.89 19.25
CA ALA A 259 3.85 2.33 18.34
C ALA A 259 3.22 1.28 17.41
N ARG A 260 2.30 0.48 17.93
CA ARG A 260 1.68 -0.60 17.16
C ARG A 260 0.45 -0.14 16.39
N ALA A 261 0.18 1.16 16.35
CA ALA A 261 -1.03 1.65 15.71
C ALA A 261 -0.96 1.51 14.19
N GLU A 262 -2.12 1.62 13.55
CA GLU A 262 -2.18 1.56 12.10
C GLU A 262 -1.89 2.92 11.47
N ILE A 263 -2.56 3.96 11.94
CA ILE A 263 -2.41 5.31 11.41
C ILE A 263 -2.25 6.28 12.56
N ILE A 264 -1.37 7.27 12.37
CA ILE A 264 -1.14 8.33 13.34
C ILE A 264 -1.32 9.67 12.64
N ILE A 265 -2.03 10.58 13.29
CA ILE A 265 -2.13 11.96 12.85
C ILE A 265 -1.48 12.83 13.91
N GLU A 266 -0.38 13.50 13.54
CA GLU A 266 0.33 14.41 14.43
C GLU A 266 -0.08 15.83 14.08
N GLY A 267 -0.66 16.53 15.05
CA GLY A 267 -1.13 17.88 14.82
C GLY A 267 -1.06 18.71 16.09
N GLU A 268 -1.51 19.96 15.96
CA GLU A 268 -1.56 20.89 17.07
C GLU A 268 -2.89 21.61 17.09
N LEU A 269 -3.37 21.90 18.30
CA LEU A 269 -4.59 22.67 18.49
C LEU A 269 -4.25 24.15 18.41
N LEU A 270 -4.70 24.83 17.37
CA LEU A 270 -4.31 26.21 17.14
C LEU A 270 -5.11 27.14 18.06
N PRO A 271 -4.43 28.02 18.80
CA PRO A 271 -5.15 28.89 19.73
C PRO A 271 -5.90 29.99 19.01
N GLY A 272 -7.00 30.43 19.63
CA GLY A 272 -7.77 31.55 19.12
C GLY A 272 -8.69 31.22 17.97
N VAL A 273 -8.26 30.34 17.08
CA VAL A 273 -9.05 30.02 15.89
C VAL A 273 -10.19 29.10 16.28
N ARG A 274 -11.35 29.31 15.67
CA ARG A 274 -12.52 28.48 15.88
C ARG A 274 -13.21 28.25 14.54
N VAL A 275 -13.88 27.11 14.43
CA VAL A 275 -14.59 26.74 13.21
C VAL A 275 -15.91 26.11 13.61
N ARG A 276 -16.90 26.21 12.72
CA ARG A 276 -18.15 25.50 12.88
C ARG A 276 -18.08 24.21 12.08
N GLU A 277 -18.69 23.15 12.64
CA GLU A 277 -18.44 21.80 12.15
C GLU A 277 -18.86 21.63 10.70
N ASP A 278 -20.00 22.19 10.32
CA ASP A 278 -20.57 22.01 8.99
C ASP A 278 -20.24 23.19 8.06
N GLN A 279 -19.06 23.78 8.20
CA GLN A 279 -18.74 24.98 7.42
C GLN A 279 -18.75 24.71 5.93
N HIS A 280 -18.35 23.51 5.50
CA HIS A 280 -18.28 23.19 4.09
C HIS A 280 -19.53 22.50 3.56
N THR A 281 -20.42 22.03 4.44
CA THR A 281 -21.61 21.32 4.02
C THR A 281 -22.92 22.04 4.35
N ASN A 282 -22.95 22.77 5.46
CA ASN A 282 -24.12 23.56 5.87
C ASN A 282 -25.37 22.69 6.03
N THR A 283 -25.18 21.43 6.43
CA THR A 283 -26.32 20.56 6.71
C THR A 283 -26.93 20.81 8.08
N GLY A 284 -26.38 21.73 8.86
CA GLY A 284 -26.84 21.98 10.21
C GLY A 284 -26.59 20.87 11.20
N HIS A 285 -26.14 19.70 10.73
CA HIS A 285 -25.92 18.55 11.59
C HIS A 285 -24.44 18.20 11.62
N ALA A 286 -24.05 17.42 12.63
CA ALA A 286 -22.69 16.94 12.75
C ALA A 286 -22.62 15.47 12.35
N MSE A 287 -23.21 14.61 13.18
CA MSE A 287 -23.07 13.18 13.01
C MSE A 287 -24.20 12.46 13.73
O MSE A 287 -24.79 13.00 14.66
CB MSE A 287 -21.73 12.71 13.56
CG MSE A 287 -20.96 11.76 12.67
SE MSE A 287 -19.59 10.86 13.69
CE MSE A 287 -20.60 9.30 14.27
N PRO A 288 -24.52 11.23 13.30
CA PRO A 288 -25.41 10.39 14.11
C PRO A 288 -24.81 10.17 15.50
N GLU A 289 -25.63 10.41 16.52
CA GLU A 289 -25.20 10.24 17.90
C GLU A 289 -25.66 8.88 18.43
N PHE A 290 -25.14 8.53 19.60
CA PHE A 290 -25.47 7.23 20.18
C PHE A 290 -26.95 7.04 20.51
N PRO A 291 -27.74 8.05 20.89
CA PRO A 291 -29.17 7.78 21.10
C PRO A 291 -29.92 7.37 19.85
N GLY A 292 -29.39 7.66 18.67
CA GLY A 292 -30.02 7.27 17.42
C GLY A 292 -30.43 8.41 16.52
N TYR A 293 -30.13 9.66 16.87
CA TYR A 293 -30.52 10.81 16.09
C TYR A 293 -29.27 11.54 15.61
N CYS A 294 -29.43 12.34 14.56
CA CYS A 294 -28.32 13.13 14.06
C CYS A 294 -28.09 14.33 14.98
N GLY A 295 -26.87 14.47 15.47
CA GLY A 295 -26.55 15.60 16.31
C GLY A 295 -26.45 16.89 15.51
N GLU A 296 -26.52 18.01 16.23
CA GLU A 296 -26.39 19.31 15.59
C GLU A 296 -24.93 19.71 15.51
N ALA A 297 -24.62 20.48 14.47
CA ALA A 297 -23.24 20.91 14.25
C ALA A 297 -22.78 21.85 15.37
N ASN A 298 -21.54 21.67 15.80
CA ASN A 298 -20.98 22.55 16.83
C ASN A 298 -20.57 23.87 16.20
N PRO A 299 -21.02 25.00 16.74
CA PRO A 299 -20.70 26.29 16.10
C PRO A 299 -19.26 26.75 16.32
N SER A 300 -18.66 26.36 17.44
CA SER A 300 -17.31 26.80 17.80
C SER A 300 -16.48 25.58 18.16
N LEU A 301 -15.60 25.16 17.26
CA LEU A 301 -14.75 24.00 17.48
C LEU A 301 -13.28 24.35 17.32
N PRO A 302 -12.42 23.87 18.22
CA PRO A 302 -10.98 24.08 18.04
C PRO A 302 -10.45 23.29 16.86
N VAL A 303 -9.49 23.87 16.15
CA VAL A 303 -8.96 23.32 14.92
C VAL A 303 -7.65 22.61 15.21
N ILE A 304 -7.50 21.40 14.67
CA ILE A 304 -6.24 20.68 14.71
C ILE A 304 -5.53 20.88 13.38
N LYS A 305 -4.34 21.48 13.42
CA LYS A 305 -3.50 21.66 12.25
C LYS A 305 -2.51 20.51 12.21
N VAL A 306 -2.67 19.60 11.25
CA VAL A 306 -1.82 18.43 11.19
C VAL A 306 -0.44 18.81 10.69
N LYS A 307 0.59 18.27 11.33
CA LYS A 307 1.97 18.46 10.90
C LYS A 307 2.51 17.26 10.14
N ALA A 308 2.09 16.06 10.50
CA ALA A 308 2.54 14.85 9.82
C ALA A 308 1.49 13.77 9.99
N VAL A 309 1.34 12.95 8.95
CA VAL A 309 0.53 11.73 9.01
C VAL A 309 1.49 10.55 8.96
N THR A 310 1.20 9.53 9.76
CA THR A 310 2.12 8.43 10.00
C THR A 310 1.35 7.12 10.03
N MSE A 311 1.77 6.18 9.19
CA MSE A 311 1.05 4.90 9.07
C MSE A 311 1.96 3.77 8.66
O MSE A 311 3.04 3.98 8.12
CB MSE A 311 -0.11 5.05 8.07
CG MSE A 311 0.31 5.55 6.70
SE MSE A 311 -1.23 5.95 5.57
CE MSE A 311 -1.11 4.46 4.32
N ARG A 312 1.53 2.53 8.93
CA ARG A 312 2.29 1.37 8.50
C ARG A 312 1.96 1.03 7.05
N ASN A 313 2.69 0.05 6.52
CA ASN A 313 2.48 -0.38 5.14
C ASN A 313 1.09 -0.98 4.98
N HIS A 314 0.35 -0.47 4.00
CA HIS A 314 -1.03 -0.87 3.74
C HIS A 314 -1.90 -0.66 4.98
N ALA A 315 -1.89 0.58 5.46
CA ALA A 315 -2.51 0.91 6.74
C ALA A 315 -4.01 0.71 6.69
N ILE A 316 -4.53 0.04 7.72
CA ILE A 316 -5.97 -0.15 7.86
C ILE A 316 -6.57 1.08 8.52
N LEU A 317 -7.64 1.62 7.92
CA LEU A 317 -8.39 2.73 8.51
C LEU A 317 -9.55 2.15 9.30
N GLN A 318 -9.51 2.29 10.62
CA GLN A 318 -10.54 1.78 11.51
C GLN A 318 -11.44 2.91 11.96
N THR A 319 -12.75 2.68 11.90
CA THR A 319 -13.76 3.61 12.41
C THR A 319 -14.98 2.79 12.81
N LEU A 320 -16.09 3.48 13.08
CA LEU A 320 -17.33 2.81 13.45
C LEU A 320 -18.46 3.30 12.56
N VAL A 321 -19.59 2.62 12.66
CA VAL A 321 -20.81 2.97 11.95
C VAL A 321 -21.96 2.92 12.94
N GLY A 322 -22.81 3.95 12.92
CA GLY A 322 -23.99 3.93 13.76
C GLY A 322 -24.22 5.15 14.62
N PRO A 323 -23.48 5.28 15.73
CA PRO A 323 -22.38 4.43 16.19
C PRO A 323 -22.80 3.06 16.71
N GLY A 324 -24.10 2.84 16.87
CA GLY A 324 -24.63 1.49 17.02
C GLY A 324 -24.04 0.73 18.18
N GLU A 325 -23.95 -0.60 18.02
CA GLU A 325 -23.45 -1.45 19.09
C GLU A 325 -22.00 -1.15 19.44
N GLU A 326 -21.23 -0.64 18.47
CA GLU A 326 -19.83 -0.29 18.76
C GLU A 326 -19.73 0.75 19.87
N HIS A 327 -20.64 1.73 19.87
CA HIS A 327 -20.69 2.67 20.97
C HIS A 327 -21.16 2.00 22.26
N THR A 328 -22.16 1.12 22.16
CA THR A 328 -22.67 0.44 23.34
C THR A 328 -21.57 -0.33 24.06
N THR A 329 -20.67 -0.98 23.31
CA THR A 329 -19.57 -1.68 23.94
C THR A 329 -18.62 -0.71 24.64
N LEU A 330 -18.15 0.30 23.91
CA LEU A 330 -17.13 1.19 24.46
C LEU A 330 -17.66 2.01 25.64
N ALA A 331 -18.94 2.38 25.60
CA ALA A 331 -19.51 3.19 26.67
C ALA A 331 -20.17 2.35 27.76
N GLY A 332 -20.76 1.21 27.42
CA GLY A 332 -21.51 0.43 28.39
C GLY A 332 -20.65 -0.34 29.37
N LEU A 333 -19.51 -0.85 28.91
CA LEU A 333 -18.62 -1.58 29.82
C LEU A 333 -18.13 -0.69 30.97
N PRO A 334 -17.69 0.56 30.75
CA PRO A 334 -17.40 1.42 31.91
C PRO A 334 -18.63 1.67 32.77
N THR A 335 -19.79 1.85 32.15
CA THR A 335 -21.01 2.10 32.92
C THR A 335 -21.31 0.95 33.86
N GLU A 336 -21.31 -0.28 33.34
CA GLU A 336 -21.62 -1.44 34.17
C GLU A 336 -20.57 -1.61 35.26
N ALA A 337 -19.30 -1.40 34.94
CA ALA A 337 -18.23 -1.65 35.91
C ALA A 337 -18.36 -0.73 37.11
N SER A 338 -18.55 0.57 36.88
CA SER A 338 -18.65 1.51 37.98
C SER A 338 -19.94 1.30 38.78
N ILE A 339 -21.03 0.95 38.11
CA ILE A 339 -22.27 0.64 38.82
C ILE A 339 -22.08 -0.61 39.67
N ARG A 340 -21.39 -1.61 39.15
CA ARG A 340 -21.18 -2.85 39.90
C ARG A 340 -20.28 -2.61 41.11
N ASN A 341 -19.24 -1.80 40.94
CA ASN A 341 -18.35 -1.51 42.07
C ASN A 341 -19.09 -0.79 43.18
N ALA A 342 -19.99 0.14 42.80
CA ALA A 342 -20.68 0.94 43.80
C ALA A 342 -21.69 0.13 44.59
N VAL A 343 -22.39 -0.79 43.92
CA VAL A 343 -23.40 -1.59 44.62
C VAL A 343 -22.75 -2.67 45.45
N GLU A 344 -21.70 -3.31 44.94
CA GLU A 344 -21.01 -4.34 45.71
C GLU A 344 -20.38 -3.77 46.97
N GLU A 345 -19.91 -2.54 46.91
CA GLU A 345 -19.39 -1.89 48.12
C GLU A 345 -20.52 -1.62 49.11
N ALA A 346 -21.65 -1.08 48.63
CA ALA A 346 -22.73 -0.71 49.54
C ALA A 346 -23.54 -1.93 49.99
N ILE A 347 -23.82 -2.86 49.07
CA ILE A 347 -24.63 -4.03 49.39
C ILE A 347 -23.91 -5.28 48.87
N PRO A 348 -23.01 -5.88 49.65
CA PRO A 348 -22.23 -7.01 49.14
C PRO A 348 -23.11 -8.23 48.88
N GLY A 349 -22.85 -8.88 47.74
CA GLY A 349 -23.53 -10.11 47.39
C GLY A 349 -24.94 -9.96 46.88
N PHE A 350 -25.43 -8.74 46.67
CA PHE A 350 -26.81 -8.50 46.27
C PHE A 350 -26.94 -8.40 44.77
N LEU A 351 -26.23 -7.46 44.16
CA LEU A 351 -26.25 -7.32 42.71
C LEU A 351 -25.60 -8.54 42.05
N GLN A 352 -26.33 -9.17 41.13
CA GLN A 352 -25.79 -10.32 40.41
C GLN A 352 -25.11 -9.90 39.11
N ASN A 353 -25.69 -8.95 38.38
CA ASN A 353 -25.11 -8.46 37.15
C ASN A 353 -25.81 -7.15 36.80
N VAL A 354 -25.26 -6.47 35.80
CA VAL A 354 -25.81 -5.20 35.34
C VAL A 354 -25.53 -5.07 33.85
N TYR A 355 -26.50 -4.55 33.11
CA TYR A 355 -26.39 -4.40 31.66
C TYR A 355 -26.71 -2.95 31.32
N ALA A 356 -25.75 -2.26 30.70
CA ALA A 356 -25.99 -0.95 30.12
C ALA A 356 -26.61 -1.19 28.75
N HIS A 357 -27.94 -1.30 28.73
CA HIS A 357 -28.66 -1.83 27.59
C HIS A 357 -28.31 -1.07 26.31
N THR A 358 -28.21 -1.82 25.20
CA THR A 358 -27.84 -1.23 23.93
C THR A 358 -28.91 -0.30 23.40
N ALA A 359 -30.15 -0.43 23.87
CA ALA A 359 -31.18 0.52 23.48
C ALA A 359 -30.94 1.90 24.07
N GLY A 360 -30.20 1.98 25.17
CA GLY A 360 -29.77 3.25 25.70
C GLY A 360 -28.42 3.71 25.20
N GLY A 361 -27.86 3.03 24.21
CA GLY A 361 -26.52 3.35 23.74
C GLY A 361 -25.43 3.03 24.73
N GLY A 362 -25.72 2.21 25.74
CA GLY A 362 -24.78 1.97 26.82
C GLY A 362 -24.76 3.03 27.89
N LYS A 363 -25.65 4.01 27.84
CA LYS A 363 -25.63 5.11 28.81
C LYS A 363 -26.99 5.41 29.42
N PHE A 364 -28.08 5.34 28.65
CA PHE A 364 -29.36 5.85 29.13
C PHE A 364 -30.17 4.83 29.91
N LEU A 365 -30.07 3.54 29.59
CA LEU A 365 -30.90 2.51 30.20
C LEU A 365 -30.03 1.52 30.94
N GLY A 366 -30.35 1.30 32.22
CA GLY A 366 -29.62 0.35 33.03
C GLY A 366 -30.50 -0.77 33.55
N ILE A 367 -30.04 -2.00 33.36
CA ILE A 367 -30.75 -3.20 33.80
C ILE A 367 -29.97 -3.80 34.95
N LEU A 368 -30.62 -3.99 36.09
CA LEU A 368 -29.96 -4.50 37.28
C LEU A 368 -30.58 -5.84 37.68
N GLN A 369 -29.73 -6.84 37.87
CA GLN A 369 -30.14 -8.17 38.27
C GLN A 369 -29.73 -8.37 39.72
N VAL A 370 -30.72 -8.45 40.61
CA VAL A 370 -30.47 -8.61 42.03
C VAL A 370 -31.04 -9.95 42.48
N LYS A 371 -30.61 -10.38 43.65
CA LYS A 371 -31.07 -11.62 44.25
C LYS A 371 -31.44 -11.35 45.71
N LYS A 372 -32.73 -11.39 46.02
CA LYS A 372 -33.17 -11.25 47.40
C LYS A 372 -32.93 -12.56 48.13
N ARG A 373 -32.05 -12.54 49.13
CA ARG A 373 -31.64 -13.73 49.84
C ARG A 373 -32.30 -13.86 51.20
N GLN A 374 -32.84 -12.78 51.74
CA GLN A 374 -33.40 -12.74 53.09
C GLN A 374 -34.45 -11.66 53.14
N PRO A 375 -35.33 -11.67 54.15
CA PRO A 375 -36.36 -10.62 54.23
C PRO A 375 -35.81 -9.20 54.21
N SER A 376 -34.66 -8.97 54.84
CA SER A 376 -34.07 -7.64 54.86
C SER A 376 -33.69 -7.14 53.47
N ASP A 377 -33.58 -8.03 52.49
CA ASP A 377 -33.27 -7.59 51.14
C ASP A 377 -34.43 -6.86 50.48
N GLU A 378 -35.66 -7.09 50.93
CA GLU A 378 -36.78 -6.34 50.41
C GLU A 378 -36.61 -4.87 50.76
N GLY A 379 -36.71 -4.01 49.75
CA GLY A 379 -36.43 -2.61 49.90
C GLY A 379 -35.04 -2.21 49.46
N ARG A 380 -34.12 -3.17 49.34
CA ARG A 380 -32.78 -2.84 48.87
C ARG A 380 -32.70 -2.77 47.34
N GLN A 381 -33.70 -3.28 46.63
CA GLN A 381 -33.67 -3.18 45.17
C GLN A 381 -33.77 -1.73 44.72
N GLY A 382 -34.60 -0.94 45.40
CA GLY A 382 -34.63 0.49 45.12
C GLY A 382 -33.36 1.18 45.55
N GLN A 383 -32.74 0.72 46.63
CA GLN A 383 -31.43 1.24 47.01
C GLN A 383 -30.41 0.99 45.91
N ALA A 384 -30.45 -0.20 45.30
CA ALA A 384 -29.54 -0.49 44.20
C ALA A 384 -29.78 0.44 43.02
N ALA A 385 -31.04 0.76 42.73
CA ALA A 385 -31.35 1.67 41.64
C ALA A 385 -30.87 3.08 41.93
N LEU A 386 -31.01 3.52 43.18
CA LEU A 386 -30.52 4.84 43.56
C LEU A 386 -29.00 4.93 43.45
N ILE A 387 -28.30 3.85 43.79
CA ILE A 387 -26.84 3.87 43.70
C ILE A 387 -26.40 4.02 42.25
N ALA A 388 -27.02 3.27 41.35
CA ALA A 388 -26.66 3.35 39.93
C ALA A 388 -26.95 4.74 39.38
N LEU A 389 -28.12 5.30 39.69
CA LEU A 389 -28.44 6.64 39.26
C LEU A 389 -27.44 7.65 39.80
N ALA A 390 -27.01 7.49 41.04
CA ALA A 390 -26.02 8.39 41.62
C ALA A 390 -24.65 8.18 40.99
N THR A 391 -24.32 6.94 40.61
CA THR A 391 -23.02 6.64 40.03
C THR A 391 -22.90 7.14 38.60
N TYR A 392 -23.91 6.94 37.78
CA TYR A 392 -23.88 7.32 36.37
C TYR A 392 -25.03 8.28 36.12
N SER A 393 -24.75 9.58 36.24
CA SER A 393 -25.80 10.58 36.20
C SER A 393 -26.46 10.70 34.83
N GLU A 394 -25.82 10.18 33.78
CA GLU A 394 -26.43 10.23 32.46
C GLU A 394 -27.43 9.09 32.23
N LEU A 395 -27.61 8.22 33.20
CA LEU A 395 -28.68 7.23 33.13
C LEU A 395 -30.03 7.93 33.21
N LYS A 396 -31.02 7.35 32.54
CA LYS A 396 -32.38 7.86 32.57
C LYS A 396 -33.36 6.91 33.25
N ASN A 397 -33.35 5.64 32.88
CA ASN A 397 -34.28 4.67 33.45
C ASN A 397 -33.52 3.46 33.99
N ILE A 398 -34.10 2.85 35.02
CA ILE A 398 -33.57 1.64 35.62
C ILE A 398 -34.68 0.59 35.62
N ILE A 399 -34.32 -0.64 35.30
CA ILE A 399 -35.22 -1.78 35.43
C ILE A 399 -34.56 -2.78 36.37
N LEU A 400 -35.29 -3.18 37.40
CA LEU A 400 -34.83 -4.16 38.38
C LEU A 400 -35.50 -5.50 38.10
N VAL A 401 -34.69 -6.55 37.99
CA VAL A 401 -35.19 -7.91 37.77
C VAL A 401 -34.45 -8.85 38.71
N ASP A 402 -34.99 -10.05 38.86
CA ASP A 402 -34.42 -11.07 39.73
C ASP A 402 -33.39 -11.91 38.98
N GLU A 403 -32.77 -12.85 39.70
CA GLU A 403 -31.67 -13.63 39.14
C GLU A 403 -32.13 -14.66 38.12
N ASP A 404 -33.43 -14.94 38.01
CA ASP A 404 -33.94 -15.87 37.01
C ASP A 404 -34.43 -15.16 35.75
N VAL A 405 -33.97 -13.95 35.50
CA VAL A 405 -34.33 -13.19 34.31
C VAL A 405 -33.05 -12.86 33.56
N ASP A 406 -33.02 -13.21 32.27
CA ASP A 406 -31.86 -12.97 31.42
C ASP A 406 -31.84 -11.49 31.04
N ILE A 407 -30.96 -10.72 31.69
CA ILE A 407 -30.96 -9.28 31.52
C ILE A 407 -30.45 -8.82 30.16
N PHE A 408 -29.87 -9.72 29.37
CA PHE A 408 -29.44 -9.40 28.03
C PHE A 408 -30.48 -9.76 26.97
N ASP A 409 -31.60 -10.37 27.38
CA ASP A 409 -32.67 -10.79 26.49
C ASP A 409 -33.83 -9.80 26.66
N SER A 410 -34.01 -8.93 25.66
CA SER A 410 -35.03 -7.90 25.76
C SER A 410 -36.43 -8.48 25.84
N ASP A 411 -36.67 -9.63 25.20
CA ASP A 411 -37.93 -10.32 25.41
C ASP A 411 -38.12 -10.67 26.88
N ASP A 412 -37.08 -11.20 27.52
CA ASP A 412 -37.18 -11.59 28.91
C ASP A 412 -37.35 -10.39 29.82
N ILE A 413 -36.83 -9.23 29.42
CA ILE A 413 -37.02 -8.01 30.20
C ILE A 413 -38.47 -7.56 30.16
N LEU A 414 -39.07 -7.58 28.96
CA LEU A 414 -40.49 -7.22 28.84
C LEU A 414 -41.38 -8.24 29.55
N TRP A 415 -40.93 -9.48 29.67
CA TRP A 415 -41.69 -10.48 30.41
C TRP A 415 -41.78 -10.12 31.89
N ALA A 416 -40.64 -9.76 32.50
CA ALA A 416 -40.66 -9.32 33.89
C ALA A 416 -41.51 -8.08 34.06
N MSE A 417 -41.53 -7.21 33.06
CA MSE A 417 -42.33 -5.99 33.07
C MSE A 417 -43.81 -6.27 32.84
O MSE A 417 -44.64 -5.37 32.97
CB MSE A 417 -41.83 -5.01 32.01
CG MSE A 417 -40.48 -4.42 32.35
SE MSE A 417 -40.37 -2.53 31.96
CE MSE A 417 -39.84 -2.64 30.09
N THR A 418 -44.14 -7.51 32.47
CA THR A 418 -45.51 -7.91 32.20
C THR A 418 -46.12 -8.69 33.36
N THR A 419 -45.40 -9.66 33.90
CA THR A 419 -45.94 -10.55 34.93
C THR A 419 -45.42 -10.28 36.32
N ARG A 420 -44.50 -9.34 36.49
CA ARG A 420 -43.89 -9.06 37.78
C ARG A 420 -43.89 -7.57 38.07
N MSE A 421 -45.01 -6.92 37.75
CA MSE A 421 -45.07 -5.47 37.81
C MSE A 421 -46.51 -4.96 37.77
O MSE A 421 -47.32 -5.42 36.96
CB MSE A 421 -44.28 -4.88 36.65
CG MSE A 421 -43.51 -3.63 36.97
SE MSE A 421 -43.36 -2.50 35.41
CE MSE A 421 -45.26 -2.16 35.14
N GLN A 422 -46.82 -4.02 38.65
CA GLN A 422 -48.11 -3.33 38.63
C GLN A 422 -47.83 -1.84 38.50
N GLY A 423 -48.42 -1.22 37.47
CA GLY A 423 -48.06 0.15 37.12
C GLY A 423 -48.27 1.16 38.22
N ASP A 424 -49.22 0.92 39.11
CA ASP A 424 -49.47 1.83 40.23
C ASP A 424 -48.74 1.43 41.50
N VAL A 425 -47.90 0.40 41.44
CA VAL A 425 -47.11 -0.04 42.59
C VAL A 425 -45.62 0.02 42.31
N SER A 426 -45.20 -0.34 41.09
CA SER A 426 -43.81 -0.68 40.81
C SER A 426 -43.05 0.40 40.06
N ILE A 427 -43.64 1.59 39.88
CA ILE A 427 -43.06 2.62 39.03
C ILE A 427 -42.88 3.88 39.85
N THR A 428 -41.64 4.35 39.95
CA THR A 428 -41.29 5.56 40.70
C THR A 428 -40.67 6.57 39.74
N THR A 429 -41.29 7.74 39.65
CA THR A 429 -40.82 8.82 38.78
C THR A 429 -40.06 9.85 39.60
N LEU A 430 -38.96 10.34 39.02
CA LEU A 430 -38.08 11.30 39.68
C LEU A 430 -37.89 12.48 38.75
N PRO A 431 -38.70 13.52 38.88
CA PRO A 431 -38.63 14.64 37.95
C PRO A 431 -37.50 15.60 38.26
N GLY A 432 -37.06 16.29 37.21
CA GLY A 432 -36.12 17.39 37.35
C GLY A 432 -34.67 17.03 37.55
N ILE A 433 -34.25 15.84 37.13
CA ILE A 433 -32.87 15.39 37.31
C ILE A 433 -32.13 15.52 36.00
N ARG A 434 -30.98 16.19 36.03
CA ARG A 434 -30.19 16.34 34.82
C ARG A 434 -29.76 14.97 34.29
N GLY A 435 -29.90 14.78 32.98
CA GLY A 435 -29.58 13.52 32.36
C GLY A 435 -28.53 13.66 31.27
N HIS A 436 -28.98 14.05 30.07
CA HIS A 436 -28.07 14.17 28.94
C HIS A 436 -28.73 15.02 27.86
N GLN A 437 -27.94 15.87 27.23
CA GLN A 437 -28.46 16.79 26.23
C GLN A 437 -28.92 16.10 24.96
N LEU A 438 -28.40 14.92 24.66
CA LEU A 438 -28.69 14.26 23.39
C LEU A 438 -29.98 13.43 23.42
N ASP A 439 -30.62 13.30 24.57
CA ASP A 439 -31.97 12.76 24.61
C ASP A 439 -32.93 13.86 24.16
N PRO A 440 -33.62 13.70 23.03
CA PRO A 440 -34.49 14.78 22.54
C PRO A 440 -35.72 15.00 23.40
N SER A 441 -36.15 14.00 24.18
CA SER A 441 -37.28 14.18 25.07
C SER A 441 -36.92 14.94 26.34
N GLN A 442 -35.64 15.20 26.59
CA GLN A 442 -35.22 15.98 27.76
C GLN A 442 -35.29 17.48 27.44
N SER A 443 -36.52 17.91 27.19
CA SER A 443 -36.84 19.24 26.70
C SER A 443 -38.03 19.81 27.46
N PRO A 444 -38.05 21.11 27.72
CA PRO A 444 -39.26 21.72 28.29
C PRO A 444 -40.47 21.57 27.39
N ASP A 445 -40.27 21.41 26.08
CA ASP A 445 -41.37 21.20 25.15
C ASP A 445 -41.99 19.82 25.28
N TYR A 446 -41.34 18.90 25.99
CA TYR A 446 -41.86 17.56 26.20
C TYR A 446 -42.53 17.39 27.56
N SER A 447 -42.22 18.25 28.52
CA SER A 447 -42.74 18.11 29.87
C SER A 447 -42.63 19.44 30.59
N THR A 448 -43.66 19.78 31.37
CA THR A 448 -43.66 21.01 32.16
C THR A 448 -42.79 20.90 33.41
N SER A 449 -42.39 19.69 33.80
CA SER A 449 -41.49 19.51 34.93
C SER A 449 -40.02 19.60 34.54
N ILE A 450 -39.71 19.75 33.26
CA ILE A 450 -38.35 19.88 32.77
C ILE A 450 -38.04 21.36 32.57
N ARG A 451 -37.06 21.87 33.33
CA ARG A 451 -36.77 23.30 33.30
C ARG A 451 -35.78 23.69 32.21
N GLY A 452 -35.10 22.74 31.58
CA GLY A 452 -34.14 23.08 30.56
C GLY A 452 -33.68 21.85 29.82
N ASN A 453 -33.00 22.09 28.70
CA ASN A 453 -32.45 21.00 27.89
C ASN A 453 -31.51 20.15 28.74
N GLY A 454 -31.56 18.84 28.52
CA GLY A 454 -30.71 17.92 29.23
C GLY A 454 -31.23 17.51 30.59
N ILE A 455 -32.40 17.99 31.01
CA ILE A 455 -33.02 17.59 32.25
C ILE A 455 -34.15 16.64 31.93
N SER A 456 -34.37 15.66 32.81
CA SER A 456 -35.30 14.59 32.52
C SER A 456 -36.04 14.17 33.78
N CYS A 457 -37.16 13.48 33.56
CA CYS A 457 -37.73 12.63 34.59
C CYS A 457 -37.07 11.26 34.47
N LYS A 458 -36.61 10.73 35.60
CA LYS A 458 -35.95 9.44 35.63
C LYS A 458 -36.85 8.45 36.35
N THR A 459 -36.98 7.25 35.79
CA THR A 459 -37.98 6.29 36.22
C THR A 459 -37.32 5.00 36.64
N ILE A 460 -37.75 4.46 37.78
CA ILE A 460 -37.30 3.18 38.29
C ILE A 460 -38.45 2.20 38.13
N PHE A 461 -38.27 1.21 37.26
CA PHE A 461 -39.24 0.12 37.10
C PHE A 461 -38.78 -1.04 37.97
N ASP A 462 -39.53 -1.30 39.04
CA ASP A 462 -39.20 -2.40 39.94
C ASP A 462 -39.97 -3.63 39.50
N CYS A 463 -39.29 -4.51 38.76
CA CYS A 463 -39.88 -5.76 38.28
C CYS A 463 -39.40 -6.96 39.07
N THR A 464 -38.94 -6.76 40.29
CA THR A 464 -38.55 -7.86 41.16
C THR A 464 -39.76 -8.34 41.94
N VAL A 465 -39.78 -9.64 42.20
CA VAL A 465 -40.88 -10.23 42.97
C VAL A 465 -40.77 -9.79 44.42
N PRO A 466 -41.83 -9.26 45.03
CA PRO A 466 -41.78 -8.93 46.46
C PRO A 466 -41.38 -10.17 47.26
N TRP A 467 -40.54 -9.94 48.27
CA TRP A 467 -39.95 -11.05 49.03
C TRP A 467 -41.02 -12.02 49.53
N ALA A 468 -42.14 -11.49 50.01
CA ALA A 468 -43.17 -12.33 50.61
C ALA A 468 -43.87 -13.22 49.60
N LEU A 469 -43.79 -12.91 48.31
CA LEU A 469 -44.53 -13.65 47.30
C LEU A 469 -43.63 -14.56 46.46
N LYS A 470 -42.33 -14.64 46.76
CA LYS A 470 -41.39 -15.31 45.88
C LYS A 470 -41.78 -16.76 45.62
N ALA A 471 -42.48 -17.40 46.55
CA ALA A 471 -42.87 -18.79 46.36
C ALA A 471 -43.92 -18.95 45.28
N ARG A 472 -44.62 -17.89 44.91
CA ARG A 472 -45.68 -17.95 43.90
C ARG A 472 -45.20 -17.57 42.51
N PHE A 473 -43.95 -17.13 42.37
CA PHE A 473 -43.45 -16.63 41.09
C PHE A 473 -42.31 -17.48 40.55
N GLU A 474 -42.26 -18.74 40.93
CA GLU A 474 -41.25 -19.64 40.38
C GLU A 474 -41.56 -19.96 38.92
N ARG A 475 -40.60 -19.70 38.05
CA ARG A 475 -40.76 -20.06 36.65
C ARG A 475 -40.79 -21.57 36.49
N ALA A 476 -41.53 -22.02 35.48
CA ALA A 476 -41.77 -23.45 35.29
C ALA A 476 -40.45 -24.22 35.25
N PRO A 477 -40.28 -25.24 36.08
CA PRO A 477 -38.98 -25.92 36.18
C PRO A 477 -38.81 -27.05 35.19
N PHE A 478 -38.13 -26.79 34.08
CA PHE A 478 -37.88 -27.83 33.10
C PHE A 478 -36.64 -28.63 33.48
N MSE A 479 -36.70 -29.93 33.23
CA MSE A 479 -35.62 -30.86 33.56
C MSE A 479 -34.29 -30.42 32.94
O MSE A 479 -34.22 -30.08 31.77
CB MSE A 479 -35.98 -32.27 33.10
CG MSE A 479 -34.88 -33.29 33.25
SE MSE A 479 -35.47 -35.08 32.77
CE MSE A 479 -33.75 -35.99 32.80
N GLU A 480 -33.24 -30.42 33.75
CA GLU A 480 -31.91 -30.05 33.27
C GLU A 480 -31.34 -31.21 32.44
N VAL A 481 -31.05 -30.93 31.16
CA VAL A 481 -30.52 -31.93 30.25
C VAL A 481 -29.44 -31.30 29.40
N ASP A 482 -28.64 -32.16 28.77
CA ASP A 482 -27.65 -31.73 27.79
C ASP A 482 -28.18 -32.09 26.41
N PRO A 483 -28.70 -31.13 25.64
CA PRO A 483 -29.37 -31.45 24.38
C PRO A 483 -28.44 -31.76 23.22
N THR A 484 -27.14 -31.87 23.45
CA THR A 484 -26.20 -32.08 22.36
C THR A 484 -26.44 -33.38 21.59
N PRO A 485 -26.63 -34.54 22.22
CA PRO A 485 -26.81 -35.77 21.43
C PRO A 485 -28.02 -35.76 20.52
N TRP A 486 -29.04 -34.94 20.82
CA TRP A 486 -30.23 -34.93 19.98
C TRP A 486 -30.09 -34.01 18.77
N ALA A 487 -29.13 -33.07 18.80
CA ALA A 487 -28.88 -32.18 17.67
C ALA A 487 -27.47 -31.63 17.79
N PRO A 488 -26.47 -32.47 17.49
CA PRO A 488 -25.08 -32.02 17.61
C PRO A 488 -24.71 -30.87 16.69
N GLU A 489 -25.44 -30.69 15.59
CA GLU A 489 -25.15 -29.62 14.66
C GLU A 489 -25.53 -28.24 15.20
N LEU A 490 -26.32 -28.18 16.26
CA LEU A 490 -26.69 -26.92 16.87
C LEU A 490 -25.80 -26.54 18.05
N PHE A 491 -24.87 -27.41 18.44
CA PHE A 491 -23.98 -27.14 19.57
C PHE A 491 -22.55 -27.52 19.24
N PRO B 4 -1.00 13.26 -22.88
CA PRO B 4 0.38 12.85 -22.65
C PRO B 4 0.50 11.38 -22.23
N ILE B 5 1.72 10.90 -22.07
CA ILE B 5 1.99 9.52 -21.67
C ILE B 5 2.57 9.52 -20.28
N ASN B 6 2.06 8.65 -19.41
CA ASN B 6 2.61 8.49 -18.08
C ASN B 6 2.58 7.06 -17.58
N ASP B 7 2.14 6.10 -18.39
CA ASP B 7 2.13 4.69 -18.02
C ASP B 7 2.14 3.86 -19.30
N LEU B 8 1.91 2.56 -19.15
CA LEU B 8 1.93 1.67 -20.29
C LEU B 8 0.73 1.88 -21.21
N ARG B 9 -0.45 2.09 -20.62
CA ARG B 9 -1.68 2.13 -21.40
C ARG B 9 -1.79 3.40 -22.23
N SER B 10 -1.37 4.54 -21.68
CA SER B 10 -1.37 5.77 -22.47
C SER B 10 -0.38 5.69 -23.62
N ALA B 11 0.72 4.94 -23.44
CA ALA B 11 1.63 4.71 -24.54
C ALA B 11 0.98 3.85 -25.63
N ILE B 12 0.22 2.83 -25.23
CA ILE B 12 -0.49 2.02 -26.20
C ILE B 12 -1.47 2.86 -27.01
N ALA B 13 -2.11 3.83 -26.36
CA ALA B 13 -3.05 4.70 -27.04
C ALA B 13 -2.38 5.48 -28.16
N LEU B 14 -1.16 5.99 -27.90
CA LEU B 14 -0.42 6.70 -28.93
C LEU B 14 -0.06 5.77 -30.09
N LEU B 15 0.33 4.53 -29.78
CA LEU B 15 0.66 3.57 -30.81
C LEU B 15 -0.55 3.26 -31.69
N GLN B 16 -1.75 3.26 -31.09
CA GLN B 16 -2.95 2.97 -31.87
C GLN B 16 -3.26 4.08 -32.88
N ARG B 17 -2.79 5.30 -32.63
CA ARG B 17 -2.94 6.38 -33.60
C ARG B 17 -1.95 6.31 -34.75
N HIS B 18 -0.99 5.39 -34.68
CA HIS B 18 -0.03 5.15 -35.77
C HIS B 18 -0.15 3.68 -36.16
N PRO B 19 -0.98 3.37 -37.17
CA PRO B 19 -1.25 1.97 -37.48
C PRO B 19 0.00 1.22 -37.91
N GLY B 20 0.13 -0.01 -37.41
CA GLY B 20 1.28 -0.85 -37.66
C GLY B 20 2.17 -1.06 -36.45
N HIS B 21 1.99 -0.28 -35.39
CA HIS B 21 2.84 -0.38 -34.21
C HIS B 21 2.20 -1.16 -33.06
N TYR B 22 0.91 -1.47 -33.15
CA TYR B 22 0.24 -2.19 -32.08
C TYR B 22 -0.92 -3.00 -32.66
N ILE B 23 -1.02 -4.26 -32.25
CA ILE B 23 -2.13 -5.13 -32.62
C ILE B 23 -2.53 -5.97 -31.41
N GLU B 24 -3.73 -6.55 -31.49
CA GLU B 24 -4.22 -7.47 -30.48
C GLU B 24 -4.74 -8.73 -31.17
N THR B 25 -4.90 -9.79 -30.38
CA THR B 25 -5.43 -11.03 -30.89
C THR B 25 -6.18 -11.74 -29.76
N ASP B 26 -7.29 -12.38 -30.11
CA ASP B 26 -8.09 -13.15 -29.18
C ASP B 26 -7.94 -14.64 -29.37
N HIS B 27 -7.22 -15.08 -30.40
CA HIS B 27 -6.98 -16.50 -30.58
C HIS B 27 -6.11 -17.01 -29.43
N PRO B 28 -6.48 -18.13 -28.81
CA PRO B 28 -5.75 -18.59 -27.61
C PRO B 28 -4.28 -18.84 -27.91
N VAL B 29 -3.47 -18.79 -26.86
CA VAL B 29 -2.04 -19.03 -26.97
C VAL B 29 -1.54 -19.62 -25.67
N ASP B 30 -0.53 -20.47 -25.78
CA ASP B 30 0.11 -21.05 -24.61
C ASP B 30 1.29 -20.17 -24.21
N PRO B 31 1.33 -19.63 -22.99
CA PRO B 31 2.51 -18.87 -22.57
C PRO B 31 3.77 -19.70 -22.55
N ASN B 32 3.65 -21.03 -22.52
CA ASN B 32 4.81 -21.92 -22.55
C ASN B 32 5.22 -22.12 -24.00
N ALA B 33 6.21 -21.34 -24.45
CA ALA B 33 6.87 -21.50 -25.74
C ALA B 33 6.02 -21.07 -26.93
N GLU B 34 4.71 -21.33 -26.89
CA GLU B 34 3.89 -21.04 -28.06
C GLU B 34 3.81 -19.56 -28.35
N LEU B 35 3.71 -18.72 -27.30
CA LEU B 35 3.61 -17.28 -27.52
C LEU B 35 4.89 -16.75 -28.16
N ALA B 36 6.05 -17.13 -27.62
CA ALA B 36 7.32 -16.67 -28.20
C ALA B 36 7.51 -17.18 -29.61
N GLY B 37 7.11 -18.43 -29.87
CA GLY B 37 7.20 -18.95 -31.22
C GLY B 37 6.37 -18.16 -32.21
N VAL B 38 5.23 -17.65 -31.76
CA VAL B 38 4.37 -16.86 -32.64
C VAL B 38 4.99 -15.50 -32.91
N TYR B 39 5.38 -14.79 -31.85
CA TYR B 39 5.96 -13.46 -32.03
C TYR B 39 7.31 -13.50 -32.73
N ARG B 40 7.96 -14.67 -32.77
CA ARG B 40 9.19 -14.80 -33.53
C ARG B 40 8.97 -14.42 -34.99
N HIS B 41 7.81 -14.77 -35.55
CA HIS B 41 7.54 -14.46 -36.95
C HIS B 41 7.00 -13.05 -37.16
N ILE B 42 6.51 -12.40 -36.11
CA ILE B 42 5.80 -11.14 -36.26
C ILE B 42 6.66 -9.93 -35.91
N GLY B 43 7.34 -9.97 -34.76
CA GLY B 43 8.07 -8.79 -34.36
C GLY B 43 9.25 -8.97 -33.43
N ALA B 44 9.74 -10.20 -33.25
CA ALA B 44 10.86 -10.42 -32.36
C ALA B 44 12.11 -9.71 -32.86
N GLY B 45 12.55 -10.03 -34.08
CA GLY B 45 13.66 -9.35 -34.71
C GLY B 45 15.01 -9.62 -34.05
N GLY B 46 15.94 -8.71 -34.29
CA GLY B 46 17.25 -8.80 -33.65
C GLY B 46 18.04 -10.00 -34.11
N THR B 47 18.66 -10.69 -33.14
CA THR B 47 19.50 -11.84 -33.42
C THR B 47 18.72 -13.15 -33.42
N VAL B 48 17.39 -13.09 -33.37
CA VAL B 48 16.58 -14.31 -33.43
C VAL B 48 16.74 -14.96 -34.80
N LYS B 49 16.70 -16.28 -34.83
CA LYS B 49 16.85 -17.01 -36.07
C LYS B 49 15.76 -16.66 -37.06
N ARG B 50 16.13 -16.52 -38.33
CA ARG B 50 15.18 -16.24 -39.39
C ARG B 50 14.30 -17.46 -39.61
N PRO B 51 13.04 -17.24 -40.05
CA PRO B 51 12.45 -15.95 -40.40
C PRO B 51 12.02 -15.12 -39.20
N THR B 52 12.27 -13.82 -39.28
CA THR B 52 11.84 -12.87 -38.26
C THR B 52 11.89 -11.48 -38.88
N ARG B 53 11.31 -10.52 -38.18
CA ARG B 53 11.24 -9.15 -38.65
C ARG B 53 10.84 -8.26 -37.48
N THR B 54 11.05 -6.96 -37.67
CA THR B 54 10.46 -5.97 -36.78
C THR B 54 9.01 -5.75 -37.18
N GLY B 55 8.13 -5.69 -36.19
CA GLY B 55 6.72 -5.55 -36.44
C GLY B 55 6.01 -4.75 -35.39
N PRO B 56 4.72 -5.01 -35.19
CA PRO B 56 3.96 -4.29 -34.18
C PRO B 56 4.15 -4.89 -32.79
N ALA B 57 3.97 -4.05 -31.78
CA ALA B 57 3.81 -4.57 -30.43
C ALA B 57 2.55 -5.41 -30.38
N MSE B 58 2.58 -6.50 -29.63
CA MSE B 58 1.51 -7.46 -29.69
C MSE B 58 0.89 -7.77 -28.34
O MSE B 58 1.60 -7.93 -27.34
CB MSE B 58 2.01 -8.76 -30.34
CG MSE B 58 0.92 -9.72 -30.73
SE MSE B 58 1.53 -10.89 -32.15
CE MSE B 58 -0.04 -12.03 -32.30
N MSE B 59 -0.43 -7.86 -28.32
CA MSE B 59 -1.17 -8.22 -27.13
C MSE B 59 -1.91 -9.53 -27.32
O MSE B 59 -2.63 -9.71 -28.30
CB MSE B 59 -2.16 -7.11 -26.76
CG MSE B 59 -2.93 -7.37 -25.49
SE MSE B 59 -1.91 -6.95 -23.90
CE MSE B 59 -1.66 -5.05 -24.21
N PHE B 60 -1.71 -10.46 -26.39
CA PHE B 60 -2.38 -11.76 -26.39
C PHE B 60 -3.45 -11.74 -25.31
N ASN B 61 -4.71 -11.63 -25.72
CA ASN B 61 -5.82 -11.48 -24.79
C ASN B 61 -6.31 -12.82 -24.24
N SER B 62 -6.18 -13.90 -24.99
CA SER B 62 -6.59 -15.22 -24.53
C SER B 62 -5.33 -16.03 -24.21
N VAL B 63 -5.06 -16.19 -22.93
CA VAL B 63 -3.89 -16.93 -22.46
C VAL B 63 -4.38 -18.26 -21.91
N LYS B 64 -3.96 -19.35 -22.54
CA LYS B 64 -4.39 -20.68 -22.13
C LYS B 64 -4.03 -20.95 -20.68
N GLY B 65 -5.05 -21.22 -19.87
CA GLY B 65 -4.86 -21.50 -18.46
C GLY B 65 -4.88 -20.29 -17.55
N TYR B 66 -4.96 -19.09 -18.09
CA TYR B 66 -4.95 -17.85 -17.30
C TYR B 66 -6.09 -16.97 -17.78
N PRO B 67 -7.31 -17.24 -17.35
CA PRO B 67 -8.45 -16.40 -17.75
C PRO B 67 -8.33 -15.02 -17.15
N GLY B 68 -8.67 -14.02 -17.95
CA GLY B 68 -8.56 -12.64 -17.53
C GLY B 68 -7.17 -12.04 -17.61
N SER B 69 -6.16 -12.83 -17.99
CA SER B 69 -4.81 -12.30 -18.16
C SER B 69 -4.58 -11.91 -19.61
N ARG B 70 -3.72 -10.92 -19.81
CA ARG B 70 -3.30 -10.51 -21.14
C ARG B 70 -1.81 -10.21 -21.13
N ILE B 71 -1.10 -10.77 -22.10
CA ILE B 71 0.36 -10.70 -22.17
C ILE B 71 0.75 -9.81 -23.33
N LEU B 72 1.73 -8.95 -23.10
CA LEU B 72 2.17 -7.96 -24.07
C LEU B 72 3.67 -8.07 -24.30
N VAL B 73 4.07 -8.12 -25.57
CA VAL B 73 5.47 -8.26 -25.94
C VAL B 73 5.80 -7.32 -27.09
N GLY B 74 7.09 -7.04 -27.25
CA GLY B 74 7.58 -6.28 -28.37
C GLY B 74 7.38 -4.79 -28.29
N MSE B 75 7.04 -4.26 -27.13
CA MSE B 75 6.80 -2.83 -26.97
C MSE B 75 8.02 -2.00 -27.37
O MSE B 75 7.88 -0.95 -27.99
CB MSE B 75 6.41 -2.52 -25.53
CG MSE B 75 5.88 -1.11 -25.29
SE MSE B 75 4.28 -0.72 -26.33
CE MSE B 75 2.98 -1.70 -25.33
N HIS B 76 9.21 -2.49 -27.04
CA HIS B 76 10.45 -1.81 -27.39
C HIS B 76 11.17 -2.45 -28.57
N ALA B 77 10.58 -3.48 -29.19
CA ALA B 77 11.25 -4.21 -30.27
C ALA B 77 11.24 -3.48 -31.60
N SER B 78 11.47 -2.17 -31.60
CA SER B 78 11.55 -1.39 -32.82
C SER B 78 12.10 0.00 -32.53
N ARG B 79 13.22 0.36 -33.17
CA ARG B 79 13.79 1.69 -32.97
C ARG B 79 12.83 2.78 -33.43
N GLU B 80 12.05 2.49 -34.48
CA GLU B 80 11.07 3.46 -34.96
C GLU B 80 9.95 3.65 -33.93
N ARG B 81 9.52 2.56 -33.30
CA ARG B 81 8.48 2.66 -32.27
C ARG B 81 8.98 3.39 -31.03
N ALA B 82 10.23 3.13 -30.64
CA ALA B 82 10.78 3.76 -29.44
C ALA B 82 10.89 5.27 -29.60
N ALA B 83 11.33 5.73 -30.78
CA ALA B 83 11.39 7.16 -31.03
C ALA B 83 10.00 7.77 -31.09
N LEU B 84 9.02 7.01 -31.57
CA LEU B 84 7.65 7.50 -31.59
C LEU B 84 7.11 7.67 -30.17
N LEU B 85 7.47 6.76 -29.27
CA LEU B 85 7.00 6.82 -27.90
C LEU B 85 7.61 7.98 -27.13
N LEU B 86 8.75 8.50 -27.57
CA LEU B 86 9.39 9.65 -26.92
C LEU B 86 9.30 10.91 -27.75
N GLY B 87 8.85 10.83 -28.99
CA GLY B 87 8.66 12.01 -29.81
C GLY B 87 9.94 12.62 -30.35
N CYS B 88 10.68 11.85 -31.16
CA CYS B 88 11.87 12.36 -31.81
C CYS B 88 12.17 11.49 -33.03
N VAL B 89 13.13 11.96 -33.82
CA VAL B 89 13.55 11.24 -35.03
C VAL B 89 14.32 9.99 -34.62
N PRO B 90 14.11 8.84 -35.28
CA PRO B 90 14.84 7.62 -34.89
C PRO B 90 16.35 7.77 -34.93
N SER B 91 16.90 8.48 -35.91
CA SER B 91 18.34 8.63 -35.99
C SER B 91 18.89 9.54 -34.89
N LYS B 92 18.04 10.34 -34.25
CA LYS B 92 18.45 11.20 -33.14
C LYS B 92 17.99 10.67 -31.80
N LEU B 93 17.53 9.42 -31.73
CA LEU B 93 16.91 8.91 -30.52
C LEU B 93 17.92 8.82 -29.37
N ALA B 94 19.13 8.36 -29.64
CA ALA B 94 20.13 8.28 -28.58
C ALA B 94 20.54 9.67 -28.11
N GLN B 95 20.73 10.60 -29.04
CA GLN B 95 21.03 11.98 -28.66
C GLN B 95 19.91 12.59 -27.84
N HIS B 96 18.66 12.22 -28.14
CA HIS B 96 17.51 12.76 -27.41
C HIS B 96 17.53 12.30 -25.96
N VAL B 97 17.63 10.99 -25.74
CA VAL B 97 17.63 10.46 -24.38
C VAL B 97 18.87 10.94 -23.63
N GLY B 98 20.00 11.05 -24.33
CA GLY B 98 21.21 11.54 -23.69
C GLY B 98 21.07 12.96 -23.16
N GLN B 99 20.25 13.78 -23.82
CA GLN B 99 20.00 15.13 -23.31
C GLN B 99 19.18 15.08 -22.03
N ALA B 100 18.19 14.20 -21.96
CA ALA B 100 17.39 14.06 -20.74
C ALA B 100 18.23 13.50 -19.60
N VAL B 101 19.28 12.73 -19.91
CA VAL B 101 20.17 12.22 -18.88
C VAL B 101 20.88 13.37 -18.16
N LYS B 102 21.22 14.42 -18.90
CA LYS B 102 21.98 15.54 -18.36
C LYS B 102 21.12 16.53 -17.58
N ASN B 103 19.80 16.48 -17.72
CA ASN B 103 18.90 17.39 -17.00
C ASN B 103 17.74 16.58 -16.43
N PRO B 104 18.01 15.74 -15.44
CA PRO B 104 16.97 14.83 -14.93
C PRO B 104 15.90 15.57 -14.14
N VAL B 105 14.79 14.87 -13.92
CA VAL B 105 13.67 15.35 -13.13
C VAL B 105 13.37 14.30 -12.08
N ALA B 106 13.66 14.59 -10.83
CA ALA B 106 13.64 13.58 -9.78
C ALA B 106 12.23 13.02 -9.59
N PRO B 107 12.12 11.75 -9.24
CA PRO B 107 10.81 11.16 -8.96
C PRO B 107 10.20 11.74 -7.68
N VAL B 108 8.95 11.37 -7.43
CA VAL B 108 8.22 11.88 -6.28
C VAL B 108 7.42 10.74 -5.66
N VAL B 109 7.22 10.82 -4.35
CA VAL B 109 6.38 9.88 -3.62
C VAL B 109 4.96 10.43 -3.61
N VAL B 110 3.99 9.58 -3.93
CA VAL B 110 2.58 9.96 -3.93
C VAL B 110 1.82 8.99 -3.05
N PRO B 111 0.66 9.40 -2.54
CA PRO B 111 -0.15 8.48 -1.72
C PRO B 111 -0.73 7.35 -2.56
N ALA B 112 -1.13 6.29 -1.87
CA ALA B 112 -1.67 5.11 -2.56
C ALA B 112 -2.91 5.43 -3.39
N SER B 113 -3.63 6.49 -3.05
CA SER B 113 -4.82 6.86 -3.82
C SER B 113 -4.48 7.23 -5.25
N GLN B 114 -3.24 7.62 -5.54
CA GLN B 114 -2.80 7.93 -6.89
C GLN B 114 -1.97 6.82 -7.50
N ALA B 115 -1.98 5.62 -6.92
CA ALA B 115 -1.17 4.50 -7.38
C ALA B 115 -2.07 3.44 -8.00
N PRO B 116 -2.30 3.47 -9.31
CA PRO B 116 -3.14 2.44 -9.94
C PRO B 116 -2.62 1.03 -9.72
N CYS B 117 -1.33 0.85 -9.46
CA CYS B 117 -0.74 -0.47 -9.31
C CYS B 117 -1.25 -1.22 -8.09
N GLN B 118 -1.98 -0.55 -7.19
CA GLN B 118 -2.46 -1.18 -5.97
C GLN B 118 -3.99 -1.28 -5.92
N GLU B 119 -4.63 -1.32 -7.09
CA GLU B 119 -6.07 -1.54 -7.14
C GLU B 119 -6.42 -2.94 -6.64
N GLN B 120 -5.58 -3.93 -6.93
CA GLN B 120 -5.73 -5.29 -6.42
C GLN B 120 -4.49 -5.67 -5.64
N VAL B 121 -4.68 -6.38 -4.53
CA VAL B 121 -3.59 -6.80 -3.67
C VAL B 121 -3.76 -8.29 -3.36
N PHE B 122 -2.67 -9.04 -3.46
CA PHE B 122 -2.65 -10.47 -3.16
C PHE B 122 -1.47 -10.75 -2.24
N TYR B 123 -1.75 -11.04 -0.98
CA TYR B 123 -0.71 -11.41 -0.04
C TYR B 123 -0.29 -12.85 -0.24
N ALA B 124 0.96 -13.14 0.12
CA ALA B 124 1.50 -14.49 -0.07
C ALA B 124 1.08 -15.44 1.04
N ASP B 125 0.91 -14.95 2.26
CA ASP B 125 0.54 -15.82 3.37
C ASP B 125 -0.86 -16.42 3.23
N ASP B 126 -1.64 -15.95 2.26
CA ASP B 126 -2.89 -16.61 1.94
C ASP B 126 -2.61 -18.03 1.46
N PRO B 127 -3.34 -19.04 1.94
CA PRO B 127 -2.99 -20.42 1.60
C PRO B 127 -3.38 -20.81 0.17
N ASP B 128 -4.22 -20.04 -0.50
CA ASP B 128 -4.55 -20.28 -1.90
C ASP B 128 -3.72 -19.43 -2.85
N PHE B 129 -2.66 -18.82 -2.36
CA PHE B 129 -1.80 -18.00 -3.21
C PHE B 129 -0.78 -18.87 -3.93
N ASP B 130 -0.72 -18.74 -5.25
CA ASP B 130 0.27 -19.43 -6.07
C ASP B 130 0.71 -18.49 -7.17
N LEU B 131 1.99 -18.12 -7.16
CA LEU B 131 2.53 -17.22 -8.18
C LEU B 131 2.40 -17.83 -9.57
N ARG B 132 2.42 -19.16 -9.66
CA ARG B 132 2.32 -19.83 -10.95
C ARG B 132 0.91 -19.81 -11.54
N LYS B 133 -0.11 -19.64 -10.70
CA LYS B 133 -1.49 -19.54 -11.18
C LYS B 133 -1.98 -18.10 -11.30
N LEU B 134 -1.33 -17.16 -10.62
CA LEU B 134 -1.70 -15.76 -10.65
C LEU B 134 -1.13 -15.01 -11.85
N LEU B 135 0.08 -15.33 -12.28
CA LEU B 135 0.72 -14.64 -13.40
C LEU B 135 1.20 -15.62 -14.45
N PRO B 136 0.88 -15.41 -15.73
CA PRO B 136 1.45 -16.26 -16.78
C PRO B 136 2.84 -15.84 -17.25
N ALA B 137 3.86 -16.27 -16.54
CA ALA B 137 5.22 -15.98 -16.97
C ALA B 137 5.58 -16.83 -18.19
N PRO B 138 5.92 -16.23 -19.33
CA PRO B 138 6.15 -17.03 -20.53
C PRO B 138 7.57 -17.59 -20.59
N THR B 139 7.71 -18.65 -21.37
CA THR B 139 9.00 -19.20 -21.73
C THR B 139 9.28 -18.86 -23.19
N ASN B 140 10.55 -18.63 -23.51
CA ASN B 140 10.94 -18.31 -24.87
C ASN B 140 11.14 -19.56 -25.72
N THR B 141 11.79 -20.58 -25.18
CA THR B 141 12.07 -21.82 -25.88
C THR B 141 11.65 -22.99 -25.01
N PRO B 142 11.39 -24.15 -25.61
CA PRO B 142 11.03 -25.33 -24.82
C PRO B 142 12.17 -25.90 -23.99
N ILE B 143 13.35 -25.27 -24.01
CA ILE B 143 14.51 -25.77 -23.27
C ILE B 143 14.94 -24.78 -22.19
N ASP B 144 14.09 -23.84 -21.82
CA ASP B 144 14.44 -22.85 -20.83
C ASP B 144 14.42 -23.46 -19.43
N ALA B 145 15.02 -22.73 -18.48
CA ALA B 145 15.04 -23.18 -17.09
C ALA B 145 13.64 -23.20 -16.49
N GLY B 146 12.75 -22.34 -16.99
CA GLY B 146 11.39 -22.29 -16.52
C GLY B 146 10.69 -21.04 -17.04
N PRO B 147 9.53 -20.72 -16.47
CA PRO B 147 8.86 -19.48 -16.83
C PRO B 147 9.67 -18.28 -16.38
N PHE B 148 9.63 -17.22 -17.17
CA PHE B 148 10.50 -16.07 -16.98
C PHE B 148 9.73 -14.76 -17.07
N PHE B 149 10.05 -13.85 -16.16
CA PHE B 149 9.76 -12.43 -16.31
C PHE B 149 11.04 -11.75 -16.78
N CYS B 150 10.97 -11.05 -17.91
CA CYS B 150 12.16 -10.49 -18.53
C CYS B 150 12.22 -8.97 -18.47
N LEU B 151 11.20 -8.30 -17.95
CA LEU B 151 11.18 -6.84 -17.85
C LEU B 151 10.81 -6.42 -16.44
N GLY B 152 11.54 -6.93 -15.46
CA GLY B 152 11.33 -6.58 -14.08
C GLY B 152 12.21 -5.43 -13.64
N LEU B 153 11.62 -4.24 -13.54
CA LEU B 153 12.33 -3.06 -13.06
C LEU B 153 12.47 -3.16 -11.55
N VAL B 154 13.67 -3.46 -11.07
CA VAL B 154 13.90 -3.78 -9.67
C VAL B 154 14.34 -2.53 -8.92
N LEU B 155 13.69 -2.24 -7.81
CA LEU B 155 14.06 -1.15 -6.91
C LEU B 155 14.61 -1.73 -5.62
N ALA B 156 15.67 -1.12 -5.10
CA ALA B 156 16.31 -1.61 -3.89
C ALA B 156 17.13 -0.50 -3.26
N SER B 157 17.16 -0.52 -1.92
CA SER B 157 17.88 0.48 -1.14
C SER B 157 18.88 -0.21 -0.22
N ASP B 158 19.94 0.52 0.12
CA ASP B 158 20.94 -0.02 1.03
C ASP B 158 20.32 -0.25 2.40
N PRO B 159 20.51 -1.43 3.00
CA PRO B 159 19.92 -1.68 4.33
C PRO B 159 20.57 -0.87 5.43
N GLU B 160 21.81 -0.41 5.26
CA GLU B 160 22.44 0.39 6.30
C GLU B 160 22.10 1.87 6.17
N ASP B 161 21.91 2.35 4.94
CA ASP B 161 21.57 3.75 4.69
C ASP B 161 20.55 3.77 3.54
N THR B 162 19.28 3.96 3.89
CA THR B 162 18.21 3.89 2.89
C THR B 162 18.31 4.99 1.85
N SER B 163 19.10 6.04 2.10
CA SER B 163 19.22 7.13 1.15
C SER B 163 19.90 6.72 -0.15
N LEU B 164 20.55 5.57 -0.20
CA LEU B 164 21.21 5.08 -1.40
C LEU B 164 20.36 3.98 -2.02
N THR B 165 19.97 4.18 -3.28
CA THR B 165 19.06 3.29 -3.97
C THR B 165 19.71 2.73 -5.23
N ASP B 166 18.95 1.88 -5.94
CA ASP B 166 19.36 1.36 -7.23
C ASP B 166 18.12 1.00 -8.03
N VAL B 167 18.16 1.30 -9.33
CA VAL B 167 17.06 1.03 -10.24
C VAL B 167 17.63 0.27 -11.43
N THR B 168 17.28 -1.01 -11.54
CA THR B 168 17.86 -1.87 -12.57
C THR B 168 16.78 -2.79 -13.14
N ILE B 169 17.05 -3.30 -14.33
CA ILE B 169 16.18 -4.25 -15.00
C ILE B 169 16.77 -5.64 -14.86
N HIS B 170 15.96 -6.59 -14.43
CA HIS B 170 16.39 -7.96 -14.18
C HIS B 170 15.45 -8.94 -14.86
N ARG B 171 15.88 -10.18 -14.95
CA ARG B 171 15.03 -11.29 -15.34
C ARG B 171 14.92 -12.26 -14.17
N LEU B 172 13.76 -12.88 -14.04
CA LEU B 172 13.48 -13.76 -12.92
C LEU B 172 12.80 -15.03 -13.40
N CYS B 173 13.11 -16.14 -12.75
CA CYS B 173 12.56 -17.44 -13.09
C CYS B 173 11.68 -17.91 -11.94
N VAL B 174 10.41 -18.20 -12.25
CA VAL B 174 9.47 -18.65 -11.23
C VAL B 174 9.83 -20.07 -10.80
N GLN B 175 10.13 -20.24 -9.52
CA GLN B 175 10.57 -21.52 -8.98
C GLN B 175 9.51 -22.21 -8.13
N GLU B 176 8.91 -21.48 -7.20
CA GLU B 176 7.91 -22.03 -6.29
C GLU B 176 6.68 -21.14 -6.30
N ARG B 177 5.68 -21.51 -5.49
CA ARG B 177 4.46 -20.73 -5.40
C ARG B 177 4.71 -19.33 -4.84
N ASP B 178 5.85 -19.13 -4.17
CA ASP B 178 6.16 -17.83 -3.58
C ASP B 178 7.65 -17.52 -3.67
N GLU B 179 8.34 -18.05 -4.68
CA GLU B 179 9.78 -17.86 -4.82
C GLU B 179 10.15 -17.65 -6.27
N LEU B 180 11.10 -16.75 -6.50
CA LEU B 180 11.72 -16.54 -7.80
C LEU B 180 13.23 -16.53 -7.63
N SER B 181 13.92 -16.92 -8.69
CA SER B 181 15.38 -16.83 -8.73
C SER B 181 15.78 -15.63 -9.57
N MSE B 182 16.76 -14.87 -9.08
CA MSE B 182 17.17 -13.64 -9.75
C MSE B 182 18.68 -13.46 -9.70
O MSE B 182 19.27 -13.43 -8.62
CB MSE B 182 16.48 -12.43 -9.11
CG MSE B 182 16.63 -11.13 -9.89
SE MSE B 182 15.75 -9.61 -9.04
CE MSE B 182 16.97 -9.37 -7.55
N PHE B 183 19.30 -13.37 -10.87
CA PHE B 183 20.73 -13.10 -10.93
C PHE B 183 21.00 -11.62 -10.76
N LEU B 184 22.01 -11.30 -9.96
CA LEU B 184 22.45 -9.93 -9.74
C LEU B 184 23.88 -9.79 -10.21
N ALA B 185 24.13 -8.82 -11.10
CA ALA B 185 25.46 -8.60 -11.63
C ALA B 185 26.41 -8.21 -10.51
N ALA B 186 27.57 -8.87 -10.47
CA ALA B 186 28.59 -8.52 -9.49
C ALA B 186 29.03 -7.09 -9.70
N GLY B 187 29.14 -6.34 -8.61
CA GLY B 187 29.53 -4.95 -8.66
C GLY B 187 28.39 -3.97 -8.70
N ARG B 188 27.19 -4.40 -9.11
CA ARG B 188 26.04 -3.51 -9.07
C ARG B 188 25.68 -3.19 -7.63
N HIS B 189 25.12 -2.00 -7.43
CA HIS B 189 24.81 -1.52 -6.08
C HIS B 189 23.87 -2.47 -5.35
N ILE B 190 22.89 -3.05 -6.06
CA ILE B 190 21.93 -3.93 -5.41
C ILE B 190 22.62 -5.20 -4.93
N GLU B 191 23.57 -5.73 -5.69
CA GLU B 191 24.35 -6.87 -5.23
C GLU B 191 25.16 -6.52 -4.00
N VAL B 192 25.69 -5.29 -3.96
CA VAL B 192 26.34 -4.80 -2.74
C VAL B 192 25.33 -4.72 -1.62
N PHE B 193 24.12 -4.22 -1.90
CA PHE B 193 23.08 -4.15 -0.89
C PHE B 193 22.71 -5.54 -0.38
N ARG B 194 22.68 -6.52 -1.28
CA ARG B 194 22.28 -7.87 -0.90
C ARG B 194 23.36 -8.55 -0.04
N LYS B 195 24.63 -8.37 -0.41
CA LYS B 195 25.70 -8.98 0.37
C LYS B 195 25.81 -8.35 1.76
N LYS B 196 25.49 -7.06 1.87
CA LYS B 196 25.40 -6.43 3.18
C LYS B 196 24.35 -7.14 4.05
N ALA B 197 23.16 -7.37 3.48
CA ALA B 197 22.08 -7.96 4.26
C ALA B 197 22.36 -9.42 4.56
N GLU B 198 22.92 -10.17 3.60
CA GLU B 198 23.23 -11.57 3.84
C GLU B 198 24.38 -11.72 4.83
N ALA B 199 25.29 -10.75 4.88
CA ALA B 199 26.37 -10.80 5.86
C ALA B 199 25.83 -10.71 7.28
N ALA B 200 24.78 -9.92 7.48
CA ALA B 200 24.13 -9.83 8.78
C ALA B 200 23.03 -10.85 8.96
N GLY B 201 22.81 -11.72 7.99
CA GLY B 201 21.74 -12.70 8.08
C GLY B 201 20.36 -12.12 7.89
N LYS B 202 20.25 -10.96 7.27
CA LYS B 202 18.99 -10.26 7.05
C LYS B 202 18.56 -10.36 5.59
N PRO B 203 17.27 -10.41 5.31
CA PRO B 203 16.80 -10.31 3.93
C PRO B 203 16.84 -8.87 3.44
N LEU B 204 16.74 -8.73 2.12
CA LEU B 204 16.78 -7.41 1.48
C LEU B 204 15.47 -7.18 0.73
N PRO B 205 14.63 -6.24 1.16
CA PRO B 205 13.36 -6.02 0.47
C PRO B 205 13.58 -5.39 -0.90
N VAL B 206 12.79 -5.85 -1.87
CA VAL B 206 12.86 -5.37 -3.24
C VAL B 206 11.44 -5.29 -3.81
N THR B 207 11.31 -4.57 -4.92
CA THR B 207 10.07 -4.53 -5.69
C THR B 207 10.40 -4.76 -7.15
N ILE B 208 9.67 -5.69 -7.77
CA ILE B 208 9.78 -5.96 -9.20
C ILE B 208 8.62 -5.24 -9.89
N ASN B 209 8.94 -4.19 -10.63
CA ASN B 209 7.93 -3.35 -11.26
C ASN B 209 7.87 -3.67 -12.75
N MSE B 210 6.70 -4.12 -13.22
CA MSE B 210 6.54 -4.54 -14.60
C MSE B 210 5.34 -3.86 -15.26
O MSE B 210 4.34 -3.57 -14.60
CB MSE B 210 6.40 -6.06 -14.67
CG MSE B 210 7.55 -6.80 -14.04
SE MSE B 210 7.27 -8.73 -13.93
CE MSE B 210 5.84 -8.78 -12.62
N GLY B 211 5.44 -3.62 -16.56
CA GLY B 211 4.40 -2.92 -17.29
C GLY B 211 4.46 -1.43 -17.02
N LEU B 212 5.35 -0.73 -17.72
CA LEU B 212 5.67 0.66 -17.41
C LEU B 212 5.65 1.50 -18.66
N ASP B 213 5.68 2.81 -18.45
CA ASP B 213 6.00 3.75 -19.51
C ASP B 213 7.32 3.36 -20.15
N PRO B 214 7.39 3.23 -21.48
CA PRO B 214 8.68 2.93 -22.11
C PRO B 214 9.80 3.89 -21.72
N ALA B 215 9.47 5.13 -21.37
CA ALA B 215 10.49 6.09 -20.97
C ALA B 215 11.21 5.65 -19.70
N ILE B 216 10.54 4.87 -18.85
CA ILE B 216 11.20 4.38 -17.64
C ILE B 216 12.16 3.24 -17.97
N TYR B 217 11.68 2.27 -18.76
CA TYR B 217 12.53 1.14 -19.13
C TYR B 217 13.80 1.60 -19.83
N ILE B 218 13.65 2.49 -20.81
CA ILE B 218 14.81 3.00 -21.54
C ILE B 218 15.70 3.82 -20.62
N GLY B 219 15.11 4.78 -19.91
CA GLY B 219 15.92 5.68 -19.09
C GLY B 219 16.65 5.00 -17.96
N ALA B 220 16.14 3.86 -17.49
CA ALA B 220 16.79 3.16 -16.39
C ALA B 220 18.06 2.45 -16.82
N CYS B 221 18.22 2.18 -18.12
CA CYS B 221 19.41 1.50 -18.61
C CYS B 221 20.62 2.42 -18.71
N PHE B 222 20.44 3.73 -18.57
CA PHE B 222 21.54 4.67 -18.59
C PHE B 222 22.15 4.83 -17.21
N GLU B 223 23.42 5.18 -17.17
CA GLU B 223 24.06 5.52 -15.91
C GLU B 223 23.54 6.87 -15.43
N ALA B 224 23.27 6.96 -14.13
CA ALA B 224 22.72 8.17 -13.55
C ALA B 224 23.56 8.61 -12.36
N PRO B 225 23.62 9.92 -12.09
CA PRO B 225 24.30 10.39 -10.87
C PRO B 225 23.59 9.90 -9.62
N THR B 226 24.11 10.25 -8.45
CA THR B 226 23.54 9.81 -7.18
C THR B 226 23.22 11.02 -6.32
N THR B 227 22.00 11.05 -5.79
CA THR B 227 21.50 12.10 -4.92
C THR B 227 20.85 11.45 -3.71
N PRO B 228 20.67 12.19 -2.62
CA PRO B 228 20.01 11.62 -1.44
C PRO B 228 18.61 11.13 -1.76
N PHE B 229 18.31 9.91 -1.33
CA PHE B 229 17.08 9.20 -1.70
C PHE B 229 16.82 9.32 -3.19
N GLY B 230 17.80 8.85 -3.95
CA GLY B 230 17.90 9.13 -5.37
C GLY B 230 16.83 8.53 -6.26
N TYR B 231 16.87 7.21 -6.47
CA TYR B 231 16.13 6.56 -7.54
C TYR B 231 16.39 7.30 -8.86
N ASN B 232 17.67 7.62 -9.09
CA ASN B 232 18.04 8.61 -10.09
C ASN B 232 17.81 8.12 -11.51
N GLU B 233 17.83 6.80 -11.74
CA GLU B 233 17.56 6.29 -13.07
C GLU B 233 16.19 6.72 -13.56
N LEU B 234 15.22 6.88 -12.65
CA LEU B 234 13.89 7.32 -13.02
C LEU B 234 13.88 8.78 -13.46
N GLY B 235 14.90 9.56 -13.11
CA GLY B 235 14.96 10.95 -13.51
C GLY B 235 15.05 11.16 -15.00
N VAL B 236 15.49 10.14 -15.75
CA VAL B 236 15.52 10.24 -17.20
C VAL B 236 14.10 10.26 -17.75
N ALA B 237 13.26 9.32 -17.29
CA ALA B 237 11.87 9.33 -17.70
C ALA B 237 11.17 10.60 -17.25
N GLY B 238 11.54 11.10 -16.07
CA GLY B 238 10.97 12.37 -15.61
C GLY B 238 11.32 13.53 -16.53
N ALA B 239 12.53 13.50 -17.09
CA ALA B 239 12.93 14.54 -18.02
C ALA B 239 12.35 14.32 -19.41
N LEU B 240 12.17 13.06 -19.80
CA LEU B 240 11.60 12.76 -21.12
C LEU B 240 10.12 13.15 -21.18
N ARG B 241 9.40 13.02 -20.07
CA ARG B 241 7.99 13.38 -20.02
C ARG B 241 7.75 14.78 -19.45
N GLN B 242 8.78 15.43 -18.91
CA GLN B 242 8.63 16.69 -18.19
C GLN B 242 7.58 16.56 -17.08
N GLN B 243 7.53 15.38 -16.48
CA GLN B 243 6.59 15.03 -15.42
C GLN B 243 7.24 13.98 -14.53
N PRO B 244 7.42 14.26 -13.25
CA PRO B 244 8.18 13.33 -12.39
C PRO B 244 7.48 11.98 -12.27
N VAL B 245 8.29 10.93 -12.19
CA VAL B 245 7.77 9.58 -12.01
C VAL B 245 7.32 9.42 -10.56
N GLU B 246 6.10 8.92 -10.38
CA GLU B 246 5.51 8.84 -9.06
C GLU B 246 5.80 7.50 -8.40
N LEU B 247 6.09 7.54 -7.11
CA LEU B 247 6.42 6.36 -6.32
C LEU B 247 5.40 6.17 -5.20
N VAL B 248 5.13 4.92 -4.87
CA VAL B 248 4.21 4.57 -3.79
C VAL B 248 4.92 3.58 -2.87
N GLN B 249 4.63 3.68 -1.58
CA GLN B 249 5.19 2.75 -0.62
C GLN B 249 4.70 1.33 -0.88
N GLY B 250 5.60 0.36 -0.73
CA GLY B 250 5.21 -1.03 -0.87
C GLY B 250 4.19 -1.43 0.17
N VAL B 251 3.42 -2.47 -0.18
CA VAL B 251 2.35 -2.92 0.69
C VAL B 251 2.87 -3.83 1.79
N ALA B 252 3.87 -4.65 1.49
CA ALA B 252 4.38 -5.62 2.46
C ALA B 252 5.89 -5.63 2.61
N VAL B 253 6.62 -4.73 1.94
CA VAL B 253 8.07 -4.66 2.05
C VAL B 253 8.48 -3.21 2.27
N LYS B 254 9.60 -3.04 2.96
CA LYS B 254 10.13 -1.70 3.24
C LYS B 254 10.89 -1.16 2.03
N GLU B 255 10.15 -0.96 0.94
CA GLU B 255 10.71 -0.47 -0.30
C GLU B 255 9.57 0.10 -1.14
N LYS B 256 9.89 1.09 -1.96
CA LYS B 256 8.89 1.78 -2.77
C LYS B 256 8.71 1.08 -4.12
N ALA B 257 7.72 1.57 -4.88
CA ALA B 257 7.35 0.93 -6.12
C ALA B 257 6.80 1.97 -7.09
N ILE B 258 6.79 1.62 -8.37
CA ILE B 258 6.28 2.52 -9.40
C ILE B 258 4.76 2.58 -9.28
N ALA B 259 4.24 3.79 -9.06
CA ALA B 259 2.83 3.95 -8.73
C ALA B 259 1.93 3.55 -9.89
N ARG B 260 2.30 3.91 -11.12
CA ARG B 260 1.45 3.68 -12.28
C ARG B 260 1.83 2.41 -13.04
N ALA B 261 2.46 1.45 -12.37
CA ALA B 261 2.82 0.19 -12.98
C ALA B 261 1.60 -0.71 -13.15
N GLU B 262 1.70 -1.64 -14.10
CA GLU B 262 0.64 -2.63 -14.28
C GLU B 262 0.67 -3.68 -13.18
N ILE B 263 1.84 -4.27 -12.93
CA ILE B 263 2.00 -5.32 -11.93
C ILE B 263 3.23 -5.01 -11.10
N ILE B 264 3.20 -5.43 -9.84
CA ILE B 264 4.31 -5.24 -8.92
C ILE B 264 4.41 -6.46 -8.02
N ILE B 265 5.56 -7.12 -8.03
CA ILE B 265 5.85 -8.23 -7.14
C ILE B 265 6.68 -7.70 -5.98
N GLU B 266 6.15 -7.82 -4.76
CA GLU B 266 6.86 -7.41 -3.56
C GLU B 266 7.46 -8.62 -2.89
N GLY B 267 8.76 -8.56 -2.63
CA GLY B 267 9.44 -9.68 -2.00
C GLY B 267 10.77 -9.22 -1.45
N GLU B 268 11.53 -10.18 -0.94
CA GLU B 268 12.83 -9.88 -0.35
C GLU B 268 13.83 -10.97 -0.68
N LEU B 269 15.06 -10.54 -0.97
CA LEU B 269 16.14 -11.48 -1.25
C LEU B 269 16.50 -12.23 0.03
N LEU B 270 16.38 -13.55 -0.02
CA LEU B 270 16.59 -14.37 1.16
C LEU B 270 18.09 -14.49 1.46
N PRO B 271 18.47 -14.49 2.74
CA PRO B 271 19.87 -14.64 3.10
C PRO B 271 20.30 -16.09 3.25
N GLY B 272 21.47 -16.40 2.71
CA GLY B 272 22.06 -17.72 2.87
C GLY B 272 21.30 -18.85 2.18
N VAL B 273 20.82 -18.62 0.96
CA VAL B 273 20.14 -19.67 0.21
C VAL B 273 20.44 -19.46 -1.27
N ARG B 274 20.74 -20.55 -1.96
CA ARG B 274 20.97 -20.54 -3.39
C ARG B 274 20.13 -21.65 -4.02
N VAL B 275 19.99 -21.57 -5.35
CA VAL B 275 19.13 -22.49 -6.08
C VAL B 275 19.69 -22.68 -7.48
N ARG B 276 19.48 -23.88 -8.02
CA ARG B 276 19.82 -24.15 -9.41
C ARG B 276 18.71 -23.65 -10.33
N GLU B 277 19.10 -22.86 -11.34
CA GLU B 277 18.12 -22.12 -12.14
C GLU B 277 17.13 -23.06 -12.84
N ASP B 278 17.59 -24.23 -13.28
CA ASP B 278 16.74 -25.18 -14.00
C ASP B 278 16.42 -26.41 -13.16
N GLN B 279 16.37 -26.26 -11.83
CA GLN B 279 16.19 -27.41 -10.94
C GLN B 279 14.92 -28.20 -11.22
N HIS B 280 13.90 -27.58 -11.81
CA HIS B 280 12.65 -28.28 -12.07
C HIS B 280 12.51 -28.75 -13.51
N THR B 281 13.33 -28.24 -14.43
CA THR B 281 13.30 -28.65 -15.82
C THR B 281 14.50 -29.50 -16.22
N ASN B 282 15.68 -29.23 -15.66
CA ASN B 282 16.90 -29.98 -15.93
C ASN B 282 17.22 -29.99 -17.43
N THR B 283 17.25 -28.80 -18.03
CA THR B 283 17.63 -28.64 -19.42
C THR B 283 19.06 -28.14 -19.58
N GLY B 284 19.71 -27.76 -18.49
CA GLY B 284 21.04 -27.22 -18.56
C GLY B 284 21.13 -25.77 -19.01
N HIS B 285 20.05 -25.21 -19.55
CA HIS B 285 20.06 -23.84 -20.06
C HIS B 285 19.17 -22.95 -19.21
N ALA B 286 19.36 -21.64 -19.39
CA ALA B 286 18.54 -20.64 -18.72
C ALA B 286 17.47 -20.12 -19.68
N MSE B 287 17.88 -19.27 -20.61
CA MSE B 287 17.00 -18.79 -21.66
C MSE B 287 17.86 -18.14 -22.74
O MSE B 287 19.06 -17.97 -22.54
CB MSE B 287 15.96 -17.81 -21.11
CG MSE B 287 16.49 -16.45 -20.67
SE MSE B 287 15.02 -15.18 -20.45
CE MSE B 287 14.92 -14.50 -22.26
N PRO B 288 17.28 -17.82 -23.90
CA PRO B 288 18.06 -17.16 -24.96
C PRO B 288 18.66 -15.84 -24.48
N GLU B 289 19.90 -15.61 -24.89
CA GLU B 289 20.63 -14.39 -24.58
C GLU B 289 20.69 -13.51 -25.82
N PHE B 290 21.06 -12.24 -25.59
CA PHE B 290 21.07 -11.28 -26.69
C PHE B 290 22.02 -11.64 -27.85
N PRO B 291 23.11 -12.38 -27.68
CA PRO B 291 23.89 -12.78 -28.87
C PRO B 291 23.16 -13.74 -29.80
N GLY B 292 22.03 -14.32 -29.38
CA GLY B 292 21.28 -15.22 -30.22
C GLY B 292 21.47 -16.69 -29.90
N TYR B 293 22.22 -17.02 -28.85
CA TYR B 293 22.43 -18.39 -28.43
C TYR B 293 21.80 -18.60 -27.06
N CYS B 294 21.55 -19.86 -26.73
CA CYS B 294 20.93 -20.19 -25.45
C CYS B 294 21.96 -20.13 -24.34
N GLY B 295 21.71 -19.29 -23.35
CA GLY B 295 22.58 -19.22 -22.19
C GLY B 295 22.46 -20.46 -21.33
N GLU B 296 23.49 -20.69 -20.52
CA GLU B 296 23.52 -21.86 -19.65
C GLU B 296 22.85 -21.55 -18.33
N ALA B 297 22.26 -22.58 -17.73
CA ALA B 297 21.57 -22.42 -16.46
C ALA B 297 22.55 -22.12 -15.34
N ASN B 298 22.32 -21.02 -14.63
CA ASN B 298 23.19 -20.67 -13.51
C ASN B 298 22.93 -21.62 -12.36
N PRO B 299 23.96 -22.24 -11.79
CA PRO B 299 23.73 -23.25 -10.75
C PRO B 299 23.52 -22.69 -9.35
N SER B 300 23.87 -21.43 -9.09
CA SER B 300 23.80 -20.87 -7.74
C SER B 300 23.20 -19.47 -7.82
N LEU B 301 21.87 -19.40 -7.73
CA LEU B 301 21.15 -18.14 -7.81
C LEU B 301 20.45 -17.82 -6.49
N PRO B 302 20.43 -16.55 -6.08
CA PRO B 302 19.70 -16.18 -4.88
C PRO B 302 18.19 -16.18 -5.12
N VAL B 303 17.44 -16.41 -4.06
CA VAL B 303 15.99 -16.61 -4.14
C VAL B 303 15.29 -15.36 -3.62
N ILE B 304 14.27 -14.92 -4.35
CA ILE B 304 13.37 -13.87 -3.89
C ILE B 304 12.14 -14.53 -3.28
N LYS B 305 11.86 -14.21 -2.02
CA LYS B 305 10.67 -14.70 -1.34
C LYS B 305 9.55 -13.69 -1.53
N VAL B 306 8.51 -14.07 -2.26
CA VAL B 306 7.41 -13.15 -2.52
C VAL B 306 6.58 -12.97 -1.26
N LYS B 307 6.26 -11.71 -0.95
CA LYS B 307 5.37 -11.36 0.14
C LYS B 307 4.00 -10.93 -0.33
N ALA B 308 3.92 -10.19 -1.44
CA ALA B 308 2.65 -9.76 -1.98
C ALA B 308 2.81 -9.42 -3.45
N VAL B 309 1.70 -9.45 -4.18
CA VAL B 309 1.64 -9.04 -5.58
C VAL B 309 0.47 -8.07 -5.72
N THR B 310 0.77 -6.84 -6.13
CA THR B 310 -0.24 -5.81 -6.34
C THR B 310 -0.28 -5.45 -7.81
N MSE B 311 -1.49 -5.37 -8.37
CA MSE B 311 -1.66 -5.06 -9.78
C MSE B 311 -2.95 -4.27 -9.98
O MSE B 311 -3.85 -4.33 -9.16
CB MSE B 311 -1.70 -6.34 -10.60
CG MSE B 311 -2.94 -7.19 -10.37
SE MSE B 311 -2.89 -8.92 -11.27
CE MSE B 311 -1.73 -9.87 -10.05
N ARG B 312 -3.03 -3.52 -11.08
CA ARG B 312 -4.25 -2.80 -11.37
C ARG B 312 -5.28 -3.74 -11.99
N ASN B 313 -6.52 -3.23 -12.10
CA ASN B 313 -7.60 -4.02 -12.67
C ASN B 313 -7.33 -4.30 -14.14
N HIS B 314 -7.55 -5.55 -14.55
N HIS B 314 -7.55 -5.55 -14.54
CA HIS B 314 -7.25 -6.01 -15.91
CA HIS B 314 -7.25 -6.02 -15.90
C HIS B 314 -5.78 -5.77 -16.24
C HIS B 314 -5.78 -5.77 -16.24
N ALA B 315 -4.91 -6.22 -15.33
CA ALA B 315 -3.49 -5.93 -15.45
C ALA B 315 -2.88 -6.55 -16.69
N ILE B 316 -2.04 -5.77 -17.36
CA ILE B 316 -1.27 -6.25 -18.51
C ILE B 316 0.09 -6.74 -18.02
N LEU B 317 0.41 -7.99 -18.34
CA LEU B 317 1.74 -8.52 -18.05
C LEU B 317 2.65 -8.22 -19.24
N GLN B 318 3.70 -7.45 -19.00
CA GLN B 318 4.64 -7.06 -20.04
C GLN B 318 5.93 -7.85 -19.91
N THR B 319 6.38 -8.40 -21.02
CA THR B 319 7.67 -9.10 -21.10
C THR B 319 8.19 -8.94 -22.53
N LEU B 320 9.22 -9.71 -22.87
CA LEU B 320 9.80 -9.61 -24.20
C LEU B 320 9.97 -11.02 -24.77
N VAL B 321 10.42 -11.08 -26.03
CA VAL B 321 10.68 -12.33 -26.73
C VAL B 321 11.94 -12.15 -27.55
N GLY B 322 12.84 -13.12 -27.48
CA GLY B 322 14.04 -13.09 -28.31
C GLY B 322 15.36 -13.30 -27.58
N PRO B 323 15.84 -12.27 -26.87
CA PRO B 323 15.24 -10.96 -26.65
C PRO B 323 15.25 -10.05 -27.87
N GLY B 324 15.98 -10.42 -28.92
CA GLY B 324 15.91 -9.77 -30.21
C GLY B 324 16.03 -8.26 -30.19
N GLU B 325 15.22 -7.59 -31.03
CA GLU B 325 15.32 -6.14 -31.16
C GLU B 325 14.97 -5.42 -29.87
N GLU B 326 14.17 -6.05 -29.00
CA GLU B 326 13.81 -5.42 -27.74
C GLU B 326 15.05 -5.16 -26.89
N HIS B 327 15.94 -6.16 -26.82
CA HIS B 327 17.20 -5.96 -26.09
C HIS B 327 18.09 -4.95 -26.79
N THR B 328 18.06 -4.94 -28.13
CA THR B 328 18.89 -3.99 -28.87
C THR B 328 18.52 -2.55 -28.50
N THR B 329 17.22 -2.27 -28.36
CA THR B 329 16.79 -0.92 -28.01
C THR B 329 17.24 -0.55 -26.60
N LEU B 330 17.02 -1.44 -25.63
CA LEU B 330 17.26 -1.10 -24.23
C LEU B 330 18.75 -1.01 -23.91
N ALA B 331 19.58 -1.80 -24.59
CA ALA B 331 21.02 -1.77 -24.35
C ALA B 331 21.76 -0.89 -25.35
N GLY B 332 21.25 -0.77 -26.58
CA GLY B 332 21.97 -0.04 -27.61
C GLY B 332 21.90 1.46 -27.48
N LEU B 333 20.78 1.98 -26.98
CA LEU B 333 20.68 3.42 -26.77
C LEU B 333 21.69 3.92 -25.74
N PRO B 334 21.88 3.26 -24.58
CA PRO B 334 23.00 3.67 -23.71
C PRO B 334 24.35 3.49 -24.37
N THR B 335 24.54 2.43 -25.15
CA THR B 335 25.80 2.21 -25.83
C THR B 335 26.13 3.36 -26.76
N GLU B 336 25.16 3.77 -27.59
CA GLU B 336 25.36 4.89 -28.49
C GLU B 336 25.60 6.19 -27.75
N ALA B 337 24.96 6.37 -26.59
CA ALA B 337 25.05 7.65 -25.90
C ALA B 337 26.42 7.86 -25.27
N SER B 338 26.95 6.84 -24.60
CA SER B 338 28.24 6.98 -23.93
C SER B 338 29.38 7.10 -24.94
N ILE B 339 29.24 6.46 -26.10
CA ILE B 339 30.24 6.62 -27.16
C ILE B 339 30.13 8.02 -27.76
N ARG B 340 28.91 8.50 -27.97
CA ARG B 340 28.72 9.82 -28.55
C ARG B 340 29.30 10.91 -27.65
N ASN B 341 29.12 10.77 -26.34
CA ASN B 341 29.66 11.76 -25.42
C ASN B 341 31.18 11.72 -25.38
N ALA B 342 31.75 10.51 -25.36
CA ALA B 342 33.20 10.39 -25.26
C ALA B 342 33.90 10.93 -26.51
N VAL B 343 33.35 10.67 -27.70
CA VAL B 343 33.99 11.17 -28.91
C VAL B 343 33.79 12.66 -29.05
N GLU B 344 32.58 13.16 -28.77
CA GLU B 344 32.31 14.58 -28.91
C GLU B 344 33.15 15.40 -27.93
N GLU B 345 33.44 14.84 -26.76
CA GLU B 345 34.35 15.51 -25.83
C GLU B 345 35.75 15.57 -26.41
N ALA B 346 36.23 14.47 -26.97
CA ALA B 346 37.61 14.40 -27.43
C ALA B 346 37.78 15.05 -28.81
N ILE B 347 36.85 14.81 -29.73
CA ILE B 347 36.96 15.33 -31.09
C ILE B 347 35.65 16.03 -31.44
N PRO B 348 35.49 17.31 -31.07
CA PRO B 348 34.21 17.98 -31.29
C PRO B 348 33.86 18.12 -32.76
N GLY B 349 32.61 17.82 -33.09
CA GLY B 349 32.12 17.98 -34.44
C GLY B 349 32.59 16.96 -35.45
N PHE B 350 33.27 15.90 -35.01
CA PHE B 350 33.80 14.89 -35.92
C PHE B 350 32.82 13.73 -36.08
N LEU B 351 32.35 13.17 -34.98
CA LEU B 351 31.39 12.07 -35.05
C LEU B 351 30.02 12.60 -35.46
N GLN B 352 29.42 11.96 -36.46
CA GLN B 352 28.12 12.40 -36.93
C GLN B 352 26.99 11.63 -36.28
N ASN B 353 27.18 10.33 -36.08
CA ASN B 353 26.16 9.47 -35.49
C ASN B 353 26.84 8.16 -35.13
N VAL B 354 26.14 7.36 -34.32
CA VAL B 354 26.63 6.05 -33.93
C VAL B 354 25.44 5.10 -33.80
N TYR B 355 25.63 3.87 -34.26
CA TYR B 355 24.57 2.86 -34.23
C TYR B 355 25.13 1.61 -33.55
N ALA B 356 24.59 1.28 -32.38
CA ALA B 356 24.91 0.03 -31.71
C ALA B 356 24.10 -1.07 -32.40
N HIS B 357 24.70 -1.62 -33.46
CA HIS B 357 23.99 -2.46 -34.42
C HIS B 357 23.21 -3.58 -33.74
N THR B 358 22.02 -3.85 -34.28
CA THR B 358 21.18 -4.93 -33.77
C THR B 358 21.76 -6.31 -34.06
N ALA B 359 22.72 -6.41 -34.97
CA ALA B 359 23.40 -7.69 -35.17
C ALA B 359 24.25 -8.08 -33.97
N GLY B 360 24.63 -7.13 -33.14
CA GLY B 360 25.38 -7.44 -31.93
C GLY B 360 24.57 -7.21 -30.68
N GLY B 361 23.24 -7.25 -30.82
CA GLY B 361 22.34 -6.95 -29.73
C GLY B 361 22.46 -5.56 -29.15
N GLY B 362 23.10 -4.63 -29.86
CA GLY B 362 23.34 -3.32 -29.30
C GLY B 362 24.50 -3.28 -28.33
N LYS B 363 25.43 -4.23 -28.44
CA LYS B 363 26.55 -4.32 -27.51
C LYS B 363 27.86 -4.71 -28.20
N PHE B 364 27.82 -5.65 -29.13
CA PHE B 364 29.05 -6.21 -29.68
C PHE B 364 29.58 -5.45 -30.88
N LEU B 365 28.72 -4.85 -31.69
CA LEU B 365 29.12 -4.25 -32.95
C LEU B 365 28.78 -2.77 -32.94
N GLY B 366 29.77 -1.92 -33.17
CA GLY B 366 29.57 -0.50 -33.20
C GLY B 366 29.88 0.11 -34.55
N ILE B 367 28.92 0.84 -35.10
CA ILE B 367 29.07 1.52 -36.38
C ILE B 367 29.17 3.00 -36.10
N LEU B 368 30.30 3.60 -36.47
CA LEU B 368 30.54 5.02 -36.23
C LEU B 368 30.56 5.76 -37.56
N GLN B 369 29.84 6.87 -37.62
CA GLN B 369 29.76 7.71 -38.82
C GLN B 369 30.53 9.00 -38.55
N VAL B 370 31.56 9.25 -39.33
CA VAL B 370 32.45 10.39 -39.11
C VAL B 370 32.44 11.26 -40.37
N LYS B 371 32.98 12.46 -40.24
CA LYS B 371 33.13 13.36 -41.37
C LYS B 371 34.48 14.04 -41.28
N LYS B 372 35.34 13.77 -42.25
CA LYS B 372 36.65 14.41 -42.31
C LYS B 372 36.48 15.79 -42.94
N ARG B 373 36.67 16.84 -42.14
CA ARG B 373 36.46 18.21 -42.58
C ARG B 373 37.73 18.89 -43.05
N GLN B 374 38.89 18.34 -42.71
CA GLN B 374 40.17 19.01 -42.93
C GLN B 374 41.24 17.93 -43.01
N PRO B 375 42.41 18.24 -43.59
CA PRO B 375 43.47 17.22 -43.70
C PRO B 375 43.83 16.57 -42.37
N SER B 376 43.80 17.32 -41.27
CA SER B 376 44.16 16.76 -39.97
C SER B 376 43.13 15.76 -39.45
N ASP B 377 41.94 15.69 -40.07
CA ASP B 377 40.98 14.68 -39.65
C ASP B 377 41.37 13.29 -40.11
N GLU B 378 42.27 13.17 -41.09
CA GLU B 378 42.82 11.88 -41.44
C GLU B 378 43.68 11.35 -40.30
N GLY B 379 43.39 10.12 -39.88
CA GLY B 379 43.97 9.57 -38.67
C GLY B 379 43.10 9.69 -37.45
N ARG B 380 42.04 10.50 -37.51
CA ARG B 380 41.13 10.64 -36.38
C ARG B 380 40.03 9.58 -36.37
N GLN B 381 39.79 8.91 -37.49
CA GLN B 381 38.78 7.86 -37.50
C GLN B 381 39.20 6.68 -36.63
N GLY B 382 40.48 6.31 -36.68
CA GLY B 382 40.97 5.29 -35.78
C GLY B 382 40.99 5.75 -34.33
N GLN B 383 41.24 7.04 -34.10
CA GLN B 383 41.13 7.57 -32.76
C GLN B 383 39.71 7.44 -32.23
N ALA B 384 38.72 7.72 -33.08
CA ALA B 384 37.32 7.56 -32.67
C ALA B 384 37.00 6.11 -32.34
N ALA B 385 37.59 5.17 -33.08
CA ALA B 385 37.35 3.76 -32.80
C ALA B 385 38.01 3.33 -31.50
N LEU B 386 39.18 3.89 -31.18
CA LEU B 386 39.81 3.59 -29.90
C LEU B 386 38.98 4.16 -28.74
N ILE B 387 38.38 5.33 -28.94
CA ILE B 387 37.54 5.91 -27.90
C ILE B 387 36.28 5.07 -27.70
N ALA B 388 35.70 4.58 -28.81
CA ALA B 388 34.53 3.72 -28.69
C ALA B 388 34.85 2.44 -27.94
N LEU B 389 35.98 1.81 -28.27
CA LEU B 389 36.36 0.58 -27.58
C LEU B 389 36.68 0.85 -26.12
N ALA B 390 37.28 1.99 -25.82
CA ALA B 390 37.63 2.31 -24.44
C ALA B 390 36.41 2.66 -23.61
N THR B 391 35.38 3.23 -24.24
CA THR B 391 34.20 3.62 -23.48
C THR B 391 33.30 2.44 -23.18
N TYR B 392 33.15 1.51 -24.13
CA TYR B 392 32.28 0.36 -23.98
C TYR B 392 33.13 -0.89 -24.15
N SER B 393 33.67 -1.39 -23.04
CA SER B 393 34.61 -2.50 -23.07
C SER B 393 33.99 -3.77 -23.64
N GLU B 394 32.67 -3.89 -23.62
CA GLU B 394 32.02 -5.10 -24.12
C GLU B 394 31.86 -5.10 -25.63
N LEU B 395 32.22 -4.01 -26.31
CA LEU B 395 32.24 -4.01 -27.77
C LEU B 395 33.21 -5.07 -28.29
N LYS B 396 33.08 -5.37 -29.58
CA LYS B 396 33.99 -6.33 -30.21
C LYS B 396 34.59 -5.77 -31.48
N ASN B 397 33.76 -5.37 -32.43
CA ASN B 397 34.23 -4.84 -33.71
C ASN B 397 33.65 -3.44 -33.94
N ILE B 398 34.44 -2.61 -34.59
CA ILE B 398 34.05 -1.26 -34.96
C ILE B 398 34.14 -1.13 -36.48
N ILE B 399 33.11 -0.54 -37.07
CA ILE B 399 33.11 -0.21 -38.49
C ILE B 399 32.98 1.30 -38.63
N LEU B 400 33.90 1.91 -39.38
CA LEU B 400 33.94 3.34 -39.59
C LEU B 400 33.47 3.66 -41.01
N VAL B 401 32.57 4.62 -41.14
CA VAL B 401 32.03 5.04 -42.42
C VAL B 401 31.91 6.56 -42.44
N ASP B 402 31.70 7.10 -43.64
CA ASP B 402 31.58 8.54 -43.83
C ASP B 402 30.13 8.98 -43.74
N GLU B 403 29.92 10.29 -43.83
CA GLU B 403 28.58 10.86 -43.63
C GLU B 403 27.60 10.48 -44.73
N ASP B 404 28.10 10.06 -45.90
CA ASP B 404 27.23 9.67 -47.00
C ASP B 404 26.87 8.19 -46.96
N VAL B 405 27.09 7.53 -45.83
CA VAL B 405 26.71 6.14 -45.61
C VAL B 405 25.64 6.11 -44.54
N ASP B 406 24.57 5.35 -44.78
CA ASP B 406 23.50 5.20 -43.79
C ASP B 406 23.86 4.05 -42.87
N ILE B 407 24.26 4.39 -41.64
CA ILE B 407 24.72 3.38 -40.69
C ILE B 407 23.61 2.46 -40.23
N PHE B 408 22.35 2.84 -40.43
CA PHE B 408 21.23 2.00 -40.06
C PHE B 408 20.82 1.04 -41.18
N ASP B 409 21.38 1.21 -42.37
CA ASP B 409 21.13 0.32 -43.50
C ASP B 409 22.32 -0.64 -43.64
N SER B 410 22.10 -1.89 -43.27
CA SER B 410 23.19 -2.87 -43.33
C SER B 410 23.64 -3.17 -44.74
N ASP B 411 22.78 -2.99 -45.74
CA ASP B 411 23.24 -3.06 -47.12
C ASP B 411 24.26 -1.97 -47.41
N ASP B 412 24.02 -0.76 -46.92
CA ASP B 412 24.93 0.35 -47.16
C ASP B 412 26.22 0.19 -46.37
N ILE B 413 26.17 -0.52 -45.25
CA ILE B 413 27.39 -0.82 -44.50
C ILE B 413 28.26 -1.79 -45.27
N LEU B 414 27.67 -2.89 -45.76
CA LEU B 414 28.41 -3.84 -46.56
C LEU B 414 28.93 -3.21 -47.85
N TRP B 415 28.23 -2.20 -48.36
CA TRP B 415 28.72 -1.50 -49.54
C TRP B 415 30.00 -0.73 -49.24
N ALA B 416 30.06 -0.09 -48.07
CA ALA B 416 31.29 0.59 -47.69
C ALA B 416 32.43 -0.39 -47.48
N MSE B 417 32.12 -1.59 -47.00
CA MSE B 417 33.14 -2.62 -46.81
C MSE B 417 33.65 -3.15 -48.13
O MSE B 417 34.71 -3.75 -48.20
CB MSE B 417 32.57 -3.79 -46.01
CG MSE B 417 31.83 -3.40 -44.77
SE MSE B 417 32.19 -4.68 -43.38
CE MSE B 417 34.01 -4.15 -43.02
N THR B 418 32.88 -2.89 -49.19
CA THR B 418 33.17 -3.46 -50.49
C THR B 418 33.96 -2.52 -51.40
N THR B 419 33.61 -1.24 -51.42
CA THR B 419 34.23 -0.29 -52.34
C THR B 419 35.11 0.73 -51.66
N ARG B 420 35.16 0.74 -50.33
CA ARG B 420 35.94 1.71 -49.58
C ARG B 420 36.81 1.01 -48.55
N MSE B 421 37.46 -0.07 -48.94
CA MSE B 421 38.18 -0.91 -48.01
C MSE B 421 39.14 -1.86 -48.72
O MSE B 421 38.77 -2.51 -49.69
CB MSE B 421 37.20 -1.72 -47.17
CG MSE B 421 37.54 -1.79 -45.70
SE MSE B 421 36.88 -3.45 -44.92
CE MSE B 421 37.94 -4.69 -45.99
N GLN B 422 40.37 -1.94 -48.23
CA GLN B 422 41.35 -2.91 -48.68
C GLN B 422 41.81 -3.72 -47.48
N GLY B 423 41.62 -5.03 -47.54
CA GLY B 423 41.82 -5.91 -46.40
C GLY B 423 43.20 -5.90 -45.80
N ASP B 424 44.23 -5.60 -46.58
CA ASP B 424 45.58 -5.50 -46.06
C ASP B 424 45.94 -4.07 -45.67
N VAL B 425 44.98 -3.15 -45.67
CA VAL B 425 45.23 -1.75 -45.34
C VAL B 425 44.27 -1.30 -44.24
N SER B 426 43.00 -1.68 -44.37
CA SER B 426 41.93 -1.07 -43.61
C SER B 426 41.48 -1.87 -42.41
N ILE B 427 42.15 -2.98 -42.09
CA ILE B 427 41.71 -3.88 -41.04
C ILE B 427 42.79 -3.98 -39.99
N THR B 428 42.48 -3.55 -38.77
CA THR B 428 43.41 -3.61 -37.64
C THR B 428 42.83 -4.50 -36.56
N THR B 429 43.58 -5.53 -36.18
CA THR B 429 43.14 -6.48 -35.17
C THR B 429 43.79 -6.17 -33.82
N LEU B 430 43.07 -6.44 -32.75
CA LEU B 430 43.55 -6.22 -31.39
C LEU B 430 43.30 -7.48 -30.57
N PRO B 431 44.30 -8.36 -30.44
CA PRO B 431 44.08 -9.61 -29.73
C PRO B 431 44.16 -9.47 -28.22
N GLY B 432 43.50 -10.40 -27.53
CA GLY B 432 43.64 -10.53 -26.10
C GLY B 432 42.97 -9.45 -25.27
N ILE B 433 41.87 -8.89 -25.76
CA ILE B 433 41.15 -7.84 -25.05
C ILE B 433 39.90 -8.43 -24.42
N ARG B 434 39.71 -8.19 -23.13
CA ARG B 434 38.52 -8.65 -22.44
C ARG B 434 37.26 -8.12 -23.13
N GLY B 435 36.34 -9.03 -23.43
CA GLY B 435 35.13 -8.67 -24.17
C GLY B 435 33.85 -9.03 -23.45
N HIS B 436 33.25 -10.17 -23.80
CA HIS B 436 31.98 -10.56 -23.19
C HIS B 436 31.87 -12.08 -23.17
N GLN B 437 31.34 -12.60 -22.06
CA GLN B 437 31.30 -14.05 -21.85
C GLN B 437 30.32 -14.75 -22.77
N LEU B 438 29.28 -14.05 -23.21
CA LEU B 438 28.22 -14.69 -23.98
C LEU B 438 28.51 -14.79 -25.47
N ASP B 439 29.63 -14.22 -25.92
CA ASP B 439 30.09 -14.49 -27.29
C ASP B 439 30.79 -15.84 -27.28
N PRO B 440 30.19 -16.87 -27.90
CA PRO B 440 30.79 -18.20 -27.85
C PRO B 440 32.08 -18.32 -28.64
N SER B 441 32.35 -17.41 -29.57
CA SER B 441 33.63 -17.41 -30.27
C SER B 441 34.76 -16.84 -29.42
N GLN B 442 34.46 -16.28 -28.25
CA GLN B 442 35.49 -15.77 -27.36
C GLN B 442 35.95 -16.90 -26.44
N SER B 443 36.62 -17.86 -27.05
CA SER B 443 37.05 -19.09 -26.40
C SER B 443 38.47 -19.44 -26.82
N PRO B 444 39.24 -20.06 -25.93
CA PRO B 444 40.54 -20.60 -26.36
C PRO B 444 40.42 -21.68 -27.43
N ASP B 445 39.28 -22.35 -27.51
CA ASP B 445 39.04 -23.34 -28.55
C ASP B 445 38.86 -22.70 -29.92
N TYR B 446 38.63 -21.38 -29.98
CA TYR B 446 38.48 -20.67 -31.23
C TYR B 446 39.77 -20.01 -31.70
N SER B 447 40.64 -19.61 -30.78
CA SER B 447 41.87 -18.90 -31.13
C SER B 447 42.93 -19.17 -30.07
N THR B 448 44.18 -19.28 -30.53
CA THR B 448 45.30 -19.49 -29.62
C THR B 448 45.71 -18.19 -28.92
N SER B 449 45.29 -17.03 -29.43
CA SER B 449 45.58 -15.77 -28.78
C SER B 449 44.57 -15.41 -27.70
N ILE B 450 43.64 -16.31 -27.40
CA ILE B 450 42.61 -16.08 -26.38
C ILE B 450 42.96 -16.96 -25.18
N ARG B 451 43.28 -16.34 -24.06
CA ARG B 451 43.74 -17.05 -22.87
C ARG B 451 42.60 -17.51 -21.98
N GLY B 452 41.38 -17.02 -22.17
CA GLY B 452 40.26 -17.47 -21.36
C GLY B 452 38.95 -17.04 -21.97
N ASN B 453 37.86 -17.59 -21.43
CA ASN B 453 36.53 -17.24 -21.89
C ASN B 453 36.27 -15.75 -21.67
N GLY B 454 35.57 -15.14 -22.62
CA GLY B 454 35.28 -13.72 -22.55
C GLY B 454 36.34 -12.83 -23.10
N ILE B 455 37.48 -13.37 -23.53
CA ILE B 455 38.53 -12.60 -24.17
C ILE B 455 38.39 -12.80 -25.67
N SER B 456 38.72 -11.75 -26.43
CA SER B 456 38.48 -11.78 -27.86
C SER B 456 39.54 -10.98 -28.58
N CYS B 457 39.65 -11.23 -29.88
CA CYS B 457 40.28 -10.28 -30.77
C CYS B 457 39.26 -9.23 -31.15
N LYS B 458 39.70 -7.98 -31.19
CA LYS B 458 38.82 -6.86 -31.52
C LYS B 458 39.33 -6.21 -32.79
N THR B 459 38.40 -5.92 -33.70
CA THR B 459 38.76 -5.56 -35.08
C THR B 459 38.15 -4.22 -35.44
N ILE B 460 38.97 -3.34 -35.98
CA ILE B 460 38.53 -2.04 -36.47
C ILE B 460 38.55 -2.09 -37.99
N PHE B 461 37.39 -1.97 -38.60
CA PHE B 461 37.25 -1.86 -40.05
C PHE B 461 37.12 -0.39 -40.39
N ASP B 462 38.16 0.18 -41.01
CA ASP B 462 38.16 1.58 -41.43
C ASP B 462 37.68 1.62 -42.88
N CYS B 463 36.37 1.81 -43.05
CA CYS B 463 35.77 1.95 -44.37
C CYS B 463 35.53 3.40 -44.73
N THR B 464 36.36 4.31 -44.22
CA THR B 464 36.29 5.71 -44.58
C THR B 464 37.21 5.99 -45.76
N VAL B 465 36.85 6.98 -46.56
CA VAL B 465 37.69 7.34 -47.69
C VAL B 465 38.92 8.09 -47.18
N PRO B 466 40.13 7.72 -47.59
CA PRO B 466 41.30 8.50 -47.19
C PRO B 466 41.17 9.93 -47.68
N TRP B 467 41.58 10.87 -46.81
CA TRP B 467 41.31 12.29 -47.05
C TRP B 467 41.78 12.73 -48.42
N ALA B 468 42.92 12.21 -48.88
CA ALA B 468 43.48 12.65 -50.15
C ALA B 468 42.66 12.19 -51.35
N LEU B 469 41.77 11.21 -51.17
CA LEU B 469 41.05 10.61 -52.29
C LEU B 469 39.56 10.92 -52.29
N LYS B 470 39.10 11.81 -51.41
CA LYS B 470 37.66 12.00 -51.24
C LYS B 470 36.99 12.49 -52.52
N ALA B 471 37.72 13.19 -53.39
CA ALA B 471 37.13 13.66 -54.64
C ALA B 471 36.84 12.52 -55.60
N ARG B 472 37.46 11.36 -55.42
CA ARG B 472 37.24 10.21 -56.29
C ARG B 472 36.09 9.32 -55.83
N PHE B 473 35.54 9.55 -54.63
CA PHE B 473 34.59 8.63 -54.04
C PHE B 473 33.22 9.29 -53.83
N GLU B 474 32.91 10.30 -54.62
CA GLU B 474 31.59 10.93 -54.53
C GLU B 474 30.54 10.00 -55.12
N ARG B 475 29.52 9.68 -54.34
CA ARG B 475 28.45 8.83 -54.83
C ARG B 475 27.65 9.55 -55.91
N ALA B 476 27.05 8.77 -56.80
CA ALA B 476 26.33 9.31 -57.95
C ALA B 476 25.28 10.32 -57.49
N PRO B 477 25.37 11.58 -57.93
CA PRO B 477 24.49 12.61 -57.40
C PRO B 477 23.18 12.72 -58.15
N PHE B 478 22.15 12.04 -57.65
CA PHE B 478 20.83 12.15 -58.24
C PHE B 478 20.16 13.44 -57.80
N MSE B 479 19.32 13.98 -58.69
CA MSE B 479 18.66 15.25 -58.45
C MSE B 479 17.76 15.22 -57.21
O MSE B 479 17.07 14.25 -56.94
CB MSE B 479 17.84 15.65 -59.68
CG MSE B 479 17.12 16.97 -59.54
SE MSE B 479 16.16 17.42 -61.17
CE MSE B 479 17.26 18.92 -61.76
N GLU B 480 17.80 16.32 -56.44
CA GLU B 480 16.98 16.45 -55.25
C GLU B 480 15.55 16.78 -55.65
N VAL B 481 14.62 15.86 -55.38
CA VAL B 481 13.22 16.03 -55.72
C VAL B 481 12.35 15.52 -54.58
N ASP B 482 11.11 16.01 -54.55
CA ASP B 482 10.10 15.48 -53.65
C ASP B 482 9.29 14.45 -54.42
N PRO B 483 9.40 13.16 -54.09
CA PRO B 483 8.68 12.13 -54.87
C PRO B 483 7.21 11.99 -54.52
N THR B 484 6.69 12.81 -53.60
CA THR B 484 5.30 12.66 -53.17
C THR B 484 4.28 12.82 -54.29
N PRO B 485 4.38 13.81 -55.19
CA PRO B 485 3.32 13.95 -56.21
C PRO B 485 3.20 12.74 -57.13
N TRP B 486 4.32 12.09 -57.49
CA TRP B 486 4.27 11.00 -58.45
C TRP B 486 3.75 9.70 -57.85
N ALA B 487 3.72 9.60 -56.52
CA ALA B 487 3.22 8.41 -55.83
C ALA B 487 2.79 8.79 -54.42
N PRO B 488 1.65 9.46 -54.30
CA PRO B 488 1.22 9.93 -52.97
C PRO B 488 0.98 8.82 -51.96
N GLU B 489 0.56 7.64 -52.42
CA GLU B 489 0.22 6.56 -51.52
C GLU B 489 1.43 6.02 -50.77
N LEU B 490 2.63 6.20 -51.30
CA LEU B 490 3.84 5.69 -50.67
C LEU B 490 4.45 6.68 -49.68
N PHE B 491 3.75 7.77 -49.37
CA PHE B 491 4.28 8.80 -48.49
C PHE B 491 3.20 9.41 -47.62
C1 GOL C . -37.15 -14.91 41.65
O1 GOL C . -38.29 -14.08 41.72
C2 GOL C . -37.50 -16.25 42.28
O2 GOL C . -36.93 -16.31 43.57
C3 GOL C . -39.01 -16.37 42.38
O3 GOL C . -39.34 -17.62 42.94
C1 GOL D . -2.22 -7.91 7.03
O1 GOL D . -2.74 -6.64 6.70
C2 GOL D . -2.18 -8.77 5.77
O2 GOL D . -3.31 -9.62 5.77
C3 GOL D . -0.92 -9.63 5.79
O3 GOL D . -1.11 -10.74 6.64
C1 GOL E . 7.90 -0.63 -37.49
O1 GOL E . 8.55 -1.79 -37.05
C2 GOL E . 6.72 -1.01 -38.38
O2 GOL E . 5.65 -0.13 -38.16
C3 GOL E . 6.26 -2.43 -38.05
O3 GOL E . 5.30 -2.86 -38.97
C1 GOL F . 32.78 11.23 -48.67
O1 GOL F . 33.67 10.15 -48.52
C2 GOL F . 33.18 12.02 -49.91
O2 GOL F . 34.00 11.23 -50.72
C3 GOL F . 31.93 12.41 -50.69
O3 GOL F . 32.28 13.17 -51.82
#